data_5UPF
#
_entry.id   5UPF
#
_cell.length_a   61.104
_cell.length_b   106.578
_cell.length_c   83.337
_cell.angle_alpha   90.000
_cell.angle_beta   96.860
_cell.angle_gamma   90.000
#
_symmetry.space_group_name_H-M   'P 1 21 1'
#
loop_
_entity.id
_entity.type
_entity.pdbx_description
1 polymer 'Nicotinamide phosphoribosyltransferase'
2 non-polymer 5-fluoro-N-{4-[1-(2-hydroxy-2-methylpropanoyl)piperidin-4-yl]phenyl}-2H-isoindole-2-carboxamide
3 water water
#
_entity_poly.entity_id   1
_entity_poly.type   'polypeptide(L)'
_entity_poly.pdbx_seq_one_letter_code
;MNPAAEAEFNILLATDSYKVTHYKQYPPNTSKVYSYFECREKKTENSKLRKVKYEETVFYGLQYILNKYLKGKVVTKEKI
QEAKDVYKEHFQDDVFNEKGWNYILEKYDGHLPIEIKAVPEGFVIPRGNVLFTVENTDPECYWLTNWIETILVQSWYPIT
VATNSREQKKILAKYLLETSGNLDGLEYKLHDFGYRGVSSQETAGIGASAHLVNFKGTDTVAGLALIKKYYGTKDPVPGY
SVPAAEHSTITAWGKDHEKDAFEHIVTQFSSVPVSVVSDSYDIYNACEKIWGEDLRHLIVSRSTQAPLIIRPDSGNPLDT
VLKVLEILGKKFPVTENSKGYKLLPPYLRVIQGDGVDINTLQEIVEGMKQKMWSIENIAFGSGGGLLQKLTRDLLNCSFK
CSYVVTNGLGINVFKDPVADPNKRSKKGRLSLHRTPAGNFVTLEEGKGDLEEYGQDLLHTVFKNGKVTKSYSFDEIRKNA
QLNIELEAAHHDYKDDDDK
;
_entity_poly.pdbx_strand_id   A,B
#
loop_
_chem_comp.id
_chem_comp.type
_chem_comp.name
_chem_comp.formula
8HV non-polymer 5-fluoro-N-{4-[1-(2-hydroxy-2-methylpropanoyl)piperidin-4-yl]phenyl}-2H-isoindole-2-carboxamide 'C24 H26 F N3 O3'
#
# COMPACT_ATOMS: atom_id res chain seq x y z
N PHE A 9 12.61 6.96 13.95
CA PHE A 9 12.56 5.53 13.62
C PHE A 9 13.39 4.72 14.57
N ASN A 10 12.83 3.60 15.03
CA ASN A 10 13.52 2.69 15.91
C ASN A 10 13.49 1.27 15.34
N ILE A 11 14.63 0.79 14.81
CA ILE A 11 14.76 -0.55 14.19
C ILE A 11 14.39 -1.72 15.16
N LEU A 12 14.50 -1.48 16.48
CA LEU A 12 14.13 -2.46 17.49
C LEU A 12 12.61 -2.60 17.55
N LEU A 13 11.88 -1.60 17.02
CA LEU A 13 10.42 -1.61 16.95
C LEU A 13 9.95 -1.75 15.49
N ALA A 14 10.85 -2.12 14.58
CA ALA A 14 10.52 -2.23 13.17
C ALA A 14 10.58 -3.68 12.63
N THR A 15 10.04 -4.59 13.43
CA THR A 15 9.98 -6.02 13.10
C THR A 15 8.63 -6.64 13.47
N ASP A 16 8.34 -7.83 12.94
CA ASP A 16 7.15 -8.57 13.39
C ASP A 16 7.41 -8.92 14.84
N SER A 17 6.40 -8.77 15.70
CA SER A 17 6.52 -9.09 17.13
C SER A 17 7.19 -10.42 17.43
N TYR A 18 6.76 -11.50 16.77
CA TYR A 18 7.32 -12.81 17.06
C TYR A 18 8.84 -12.89 16.85
N LYS A 19 9.43 -12.02 16.00
CA LYS A 19 10.89 -12.04 15.79
C LYS A 19 11.67 -11.62 17.04
N VAL A 20 10.99 -10.89 17.95
CA VAL A 20 11.55 -10.50 19.26
C VAL A 20 11.89 -11.76 20.09
N THR A 21 11.16 -12.86 19.86
CA THR A 21 11.30 -14.09 20.62
C THR A 21 12.18 -15.17 19.96
N HIS A 22 12.64 -14.95 18.71
CA HIS A 22 13.38 -15.97 17.97
C HIS A 22 14.79 -16.28 18.47
N TYR A 23 15.48 -15.34 19.15
CA TYR A 23 16.84 -15.60 19.67
C TYR A 23 16.88 -16.79 20.64
N LYS A 24 15.74 -17.11 21.28
CA LYS A 24 15.60 -18.23 22.22
C LYS A 24 15.14 -19.52 21.53
N GLN A 25 14.92 -19.49 20.19
CA GLN A 25 14.36 -20.62 19.42
C GLN A 25 15.36 -21.33 18.50
N TYR A 26 16.38 -20.62 18.00
CA TYR A 26 17.41 -21.18 17.13
C TYR A 26 18.19 -22.25 17.91
N PRO A 27 18.85 -23.22 17.24
CA PRO A 27 19.63 -24.21 18.00
C PRO A 27 20.70 -23.56 18.86
N PRO A 28 20.96 -24.06 20.09
CA PRO A 28 22.09 -23.51 20.86
C PRO A 28 23.40 -23.69 20.07
N ASN A 29 24.38 -22.80 20.29
CA ASN A 29 25.68 -22.77 19.62
C ASN A 29 25.60 -22.46 18.12
N THR A 30 24.59 -21.68 17.71
CA THR A 30 24.42 -21.21 16.34
C THR A 30 25.20 -19.90 16.22
N SER A 31 26.14 -19.86 15.29
CA SER A 31 27.04 -18.71 15.08
C SER A 31 26.72 -17.96 13.76
N LYS A 32 25.97 -18.59 12.84
CA LYS A 32 25.66 -17.94 11.56
C LYS A 32 24.25 -18.29 11.13
N VAL A 33 23.48 -17.29 10.66
CA VAL A 33 22.14 -17.49 10.08
C VAL A 33 22.24 -16.72 8.77
N TYR A 34 22.10 -17.43 7.66
CA TYR A 34 22.23 -16.90 6.31
C TYR A 34 20.90 -17.09 5.63
N SER A 35 20.35 -15.98 5.09
CA SER A 35 19.04 -15.98 4.47
C SER A 35 19.09 -15.32 3.12
N TYR A 36 18.09 -15.64 2.28
CA TYR A 36 18.07 -15.08 0.94
C TYR A 36 16.65 -14.64 0.55
N PHE A 37 16.59 -13.77 -0.49
CA PHE A 37 15.33 -13.29 -1.04
C PHE A 37 15.18 -13.70 -2.50
N GLU A 38 14.01 -14.20 -2.88
CA GLU A 38 13.70 -14.51 -4.29
C GLU A 38 12.25 -14.18 -4.60
N CYS A 39 11.90 -14.09 -5.90
CA CYS A 39 10.54 -13.96 -6.40
C CYS A 39 10.24 -15.35 -6.94
N ARG A 40 9.72 -16.20 -6.05
CA ARG A 40 9.51 -17.64 -6.25
C ARG A 40 8.76 -17.93 -7.53
N GLU A 41 9.22 -18.95 -8.27
CA GLU A 41 8.66 -19.44 -9.53
C GLU A 41 7.22 -19.95 -9.37
N TYR A 54 4.41 -12.93 -15.44
CA TYR A 54 5.53 -12.19 -14.84
C TYR A 54 6.77 -13.11 -14.72
N GLU A 55 7.37 -13.44 -15.85
CA GLU A 55 8.50 -14.37 -15.91
C GLU A 55 9.82 -13.80 -15.38
N GLU A 56 9.96 -12.47 -15.38
CA GLU A 56 11.19 -11.82 -14.97
C GLU A 56 10.87 -10.57 -14.18
N THR A 57 11.72 -10.23 -13.23
CA THR A 57 11.44 -9.11 -12.31
C THR A 57 12.56 -8.11 -12.34
N VAL A 58 12.22 -6.84 -12.19
CA VAL A 58 13.16 -5.72 -12.09
C VAL A 58 13.57 -5.62 -10.62
N PHE A 59 14.87 -5.80 -10.31
CA PHE A 59 15.32 -5.66 -8.93
C PHE A 59 15.51 -4.18 -8.62
N TYR A 60 14.64 -3.61 -7.78
CA TYR A 60 14.75 -2.19 -7.46
C TYR A 60 14.23 -1.90 -6.08
N GLY A 61 14.89 -0.97 -5.37
CA GLY A 61 14.39 -0.46 -4.11
C GLY A 61 15.17 -0.70 -2.84
N LEU A 62 16.08 -1.69 -2.87
CA LEU A 62 16.87 -2.06 -1.71
C LEU A 62 17.75 -0.90 -1.23
N GLN A 63 18.39 -0.16 -2.14
CA GLN A 63 19.26 0.98 -1.78
C GLN A 63 18.52 2.04 -0.90
N TYR A 64 17.23 2.26 -1.18
CA TYR A 64 16.37 3.16 -0.39
C TYR A 64 16.30 2.65 1.07
N ILE A 65 15.99 1.36 1.24
CA ILE A 65 15.85 0.73 2.57
C ILE A 65 17.19 0.75 3.32
N LEU A 66 18.30 0.41 2.62
CA LEU A 66 19.65 0.39 3.24
C LEU A 66 20.00 1.74 3.85
N ASN A 67 19.76 2.83 3.10
CA ASN A 67 20.09 4.17 3.52
C ASN A 67 19.15 4.74 4.57
N LYS A 68 17.82 4.62 4.33
CA LYS A 68 16.85 5.18 5.24
C LYS A 68 16.77 4.49 6.58
N TYR A 69 16.92 3.15 6.60
CA TYR A 69 16.65 2.37 7.79
C TYR A 69 17.79 1.55 8.38
N LEU A 70 18.72 1.06 7.56
CA LEU A 70 19.71 0.12 8.09
C LEU A 70 21.09 0.67 8.39
N LYS A 71 21.53 1.73 7.69
CA LYS A 71 22.90 2.22 7.84
C LYS A 71 23.15 3.08 9.06
N GLY A 72 24.43 3.17 9.42
CA GLY A 72 24.91 4.01 10.52
C GLY A 72 24.52 3.50 11.88
N LYS A 73 24.50 4.42 12.86
CA LYS A 73 24.18 4.09 14.25
C LYS A 73 22.67 4.01 14.36
N VAL A 74 22.14 2.78 14.39
CA VAL A 74 20.70 2.51 14.45
C VAL A 74 20.26 2.06 15.85
N VAL A 75 21.25 1.82 16.73
CA VAL A 75 20.99 1.39 18.11
C VAL A 75 21.55 2.47 19.04
N THR A 76 20.75 2.91 20.02
CA THR A 76 21.12 3.86 21.07
C THR A 76 20.63 3.28 22.41
N LYS A 77 21.08 3.86 23.56
CA LYS A 77 20.61 3.39 24.87
C LYS A 77 19.11 3.65 25.02
N GLU A 78 18.64 4.78 24.48
CA GLU A 78 17.26 5.23 24.51
C GLU A 78 16.35 4.30 23.72
N LYS A 79 16.82 3.85 22.53
CA LYS A 79 16.05 2.94 21.66
C LYS A 79 15.87 1.57 22.31
N ILE A 80 16.92 1.06 23.00
CA ILE A 80 16.87 -0.21 23.71
C ILE A 80 15.83 -0.12 24.83
N GLN A 81 15.89 0.97 25.62
CA GLN A 81 14.96 1.21 26.74
C GLN A 81 13.52 1.34 26.25
N GLU A 82 13.30 2.09 25.14
CA GLU A 82 11.98 2.27 24.52
C GLU A 82 11.42 0.90 24.09
N ALA A 83 12.23 0.09 23.36
CA ALA A 83 11.80 -1.26 22.93
C ALA A 83 11.48 -2.17 24.12
N LYS A 84 12.37 -2.19 25.15
CA LYS A 84 12.17 -2.99 26.35
C LYS A 84 10.81 -2.69 27.01
N ASP A 85 10.45 -1.40 27.15
CA ASP A 85 9.21 -0.94 27.78
C ASP A 85 7.96 -1.30 26.97
N VAL A 86 8.06 -1.15 25.64
CA VAL A 86 6.96 -1.48 24.72
C VAL A 86 6.68 -3.00 24.73
N TYR A 87 7.71 -3.82 24.55
CA TYR A 87 7.58 -5.28 24.51
C TYR A 87 7.11 -5.88 25.84
N LYS A 88 7.49 -5.28 26.99
CA LYS A 88 7.04 -5.77 28.31
C LYS A 88 5.51 -5.72 28.38
N GLU A 89 4.92 -4.65 27.85
CA GLU A 89 3.47 -4.46 27.82
C GLU A 89 2.81 -5.27 26.70
N HIS A 90 3.45 -5.29 25.50
CA HIS A 90 2.94 -5.97 24.31
C HIS A 90 2.84 -7.49 24.51
N PHE A 91 3.86 -8.10 25.13
CA PHE A 91 3.87 -9.54 25.38
C PHE A 91 3.35 -9.91 26.76
N GLN A 92 3.31 -8.93 27.71
CA GLN A 92 2.94 -9.16 29.11
C GLN A 92 3.97 -10.14 29.72
N ASP A 93 5.23 -10.02 29.25
CA ASP A 93 6.39 -10.86 29.56
C ASP A 93 7.65 -10.08 29.16
N ASP A 94 8.82 -10.41 29.75
CA ASP A 94 10.08 -9.69 29.52
C ASP A 94 11.00 -10.24 28.38
N VAL A 95 10.45 -11.07 27.47
CA VAL A 95 11.10 -11.84 26.37
C VAL A 95 12.14 -11.06 25.47
N PHE A 96 12.23 -9.74 25.54
CA PHE A 96 13.12 -8.92 24.71
C PHE A 96 14.64 -9.18 24.96
N ASN A 97 15.42 -9.33 23.86
CA ASN A 97 16.87 -9.56 23.93
C ASN A 97 17.66 -8.25 24.19
N GLU A 98 17.52 -7.71 25.41
CA GLU A 98 18.27 -6.50 25.80
C GLU A 98 19.79 -6.74 25.70
N LYS A 99 20.30 -7.90 26.20
CA LYS A 99 21.73 -8.26 26.13
C LYS A 99 22.29 -8.21 24.70
N GLY A 100 21.57 -8.84 23.76
CA GLY A 100 21.94 -8.88 22.34
C GLY A 100 22.03 -7.52 21.68
N TRP A 101 21.04 -6.65 21.93
CA TRP A 101 21.03 -5.28 21.38
C TRP A 101 22.09 -4.40 22.04
N ASN A 102 22.29 -4.54 23.37
CA ASN A 102 23.34 -3.81 24.08
C ASN A 102 24.74 -4.17 23.58
N TYR A 103 24.95 -5.44 23.17
CA TYR A 103 26.20 -5.94 22.57
C TYR A 103 26.54 -5.16 21.29
N ILE A 104 25.58 -5.02 20.36
CA ILE A 104 25.77 -4.28 19.10
C ILE A 104 26.12 -2.80 19.41
N LEU A 105 25.44 -2.20 20.39
CA LEU A 105 25.70 -0.83 20.80
C LEU A 105 27.16 -0.67 21.31
N GLU A 106 27.58 -1.54 22.24
CA GLU A 106 28.92 -1.51 22.85
C GLU A 106 30.06 -1.86 21.90
N LYS A 107 29.93 -2.96 21.13
CA LYS A 107 30.98 -3.44 20.25
C LYS A 107 31.09 -2.71 18.94
N TYR A 108 29.95 -2.29 18.36
CA TYR A 108 29.92 -1.70 17.03
C TYR A 108 29.38 -0.28 16.96
N ASP A 109 29.21 0.40 18.12
CA ASP A 109 28.68 1.76 18.20
C ASP A 109 27.30 1.85 17.50
N GLY A 110 26.46 0.85 17.76
CA GLY A 110 25.11 0.76 17.21
C GLY A 110 24.99 0.41 15.74
N HIS A 111 26.12 0.06 15.06
CA HIS A 111 26.16 -0.32 13.64
C HIS A 111 25.85 -1.81 13.49
N LEU A 112 24.97 -2.19 12.53
CA LEU A 112 24.55 -3.58 12.33
C LEU A 112 25.62 -4.50 11.78
N PRO A 113 26.03 -5.56 12.53
CA PRO A 113 27.02 -6.51 11.99
C PRO A 113 26.35 -7.51 11.03
N ILE A 114 25.96 -7.01 9.86
CA ILE A 114 25.26 -7.74 8.81
C ILE A 114 25.96 -7.50 7.50
N GLU A 115 25.98 -8.51 6.62
CA GLU A 115 26.49 -8.34 5.28
C GLU A 115 25.38 -8.71 4.33
N ILE A 116 25.04 -7.79 3.40
CA ILE A 116 24.02 -7.98 2.39
C ILE A 116 24.66 -7.95 1.02
N LYS A 117 24.44 -9.01 0.22
CA LYS A 117 24.91 -9.08 -1.17
C LYS A 117 23.68 -9.05 -2.03
N ALA A 118 23.70 -8.25 -3.10
CA ALA A 118 22.51 -8.09 -3.96
C ALA A 118 22.89 -8.03 -5.42
N VAL A 119 21.94 -8.39 -6.30
CA VAL A 119 22.13 -8.27 -7.73
C VAL A 119 22.07 -6.73 -8.02
N PRO A 120 22.78 -6.17 -9.01
CA PRO A 120 22.71 -4.71 -9.20
C PRO A 120 21.27 -4.21 -9.45
N GLU A 121 20.94 -3.02 -8.94
CA GLU A 121 19.59 -2.47 -9.11
C GLU A 121 19.30 -2.16 -10.57
N GLY A 122 18.07 -2.47 -11.00
CA GLY A 122 17.66 -2.29 -12.40
C GLY A 122 17.77 -3.61 -13.17
N PHE A 123 18.56 -4.56 -12.63
CA PHE A 123 18.71 -5.88 -13.25
C PHE A 123 17.39 -6.59 -13.39
N VAL A 124 17.19 -7.17 -14.60
CA VAL A 124 15.96 -7.90 -14.94
C VAL A 124 16.30 -9.40 -14.85
N ILE A 125 15.75 -10.09 -13.84
CA ILE A 125 16.08 -11.48 -13.48
C ILE A 125 14.85 -12.40 -13.55
N PRO A 126 15.01 -13.60 -14.15
CA PRO A 126 13.88 -14.54 -14.19
C PRO A 126 13.50 -14.99 -12.78
N ARG A 127 12.23 -15.39 -12.63
CA ARG A 127 11.67 -15.87 -11.37
C ARG A 127 12.47 -17.03 -10.81
N GLY A 128 12.56 -17.08 -9.49
CA GLY A 128 13.16 -18.20 -8.79
C GLY A 128 14.65 -18.17 -8.65
N ASN A 129 15.22 -16.99 -8.69
CA ASN A 129 16.64 -16.74 -8.54
C ASN A 129 16.92 -15.92 -7.31
N VAL A 130 18.07 -16.16 -6.70
CA VAL A 130 18.51 -15.35 -5.58
C VAL A 130 18.72 -13.91 -6.07
N LEU A 131 18.11 -12.95 -5.37
CA LEU A 131 18.21 -11.52 -5.66
C LEU A 131 19.12 -10.82 -4.63
N PHE A 132 19.03 -11.25 -3.38
CA PHE A 132 19.92 -10.76 -2.34
C PHE A 132 20.05 -11.78 -1.21
N THR A 133 21.16 -11.70 -0.46
CA THR A 133 21.41 -12.59 0.68
C THR A 133 21.77 -11.71 1.85
N VAL A 134 21.50 -12.21 3.06
CA VAL A 134 21.76 -11.50 4.31
C VAL A 134 22.40 -12.47 5.30
N GLU A 135 23.42 -12.04 6.02
CA GLU A 135 24.05 -12.88 7.05
C GLU A 135 24.70 -12.01 8.10
N ASN A 136 24.78 -12.51 9.32
CA ASN A 136 25.45 -11.80 10.40
C ASN A 136 26.98 -12.01 10.29
N THR A 137 27.78 -10.96 10.60
CA THR A 137 29.25 -10.99 10.49
C THR A 137 29.92 -11.30 11.85
N ASP A 138 29.13 -11.34 12.90
CA ASP A 138 29.57 -11.63 14.26
C ASP A 138 28.74 -12.82 14.78
N PRO A 139 29.39 -13.92 15.24
CA PRO A 139 28.64 -15.07 15.77
C PRO A 139 27.60 -14.77 16.84
N GLU A 140 27.84 -13.70 17.62
CA GLU A 140 26.92 -13.28 18.68
C GLU A 140 25.58 -12.73 18.11
N CYS A 141 25.58 -12.30 16.82
CA CYS A 141 24.38 -11.71 16.25
C CYS A 141 23.70 -12.60 15.22
N TYR A 142 23.75 -13.92 15.46
CA TYR A 142 23.08 -14.95 14.66
C TYR A 142 21.57 -14.61 14.51
N TRP A 143 20.96 -14.01 15.53
CA TRP A 143 19.54 -13.65 15.58
C TRP A 143 19.19 -12.39 14.73
N LEU A 144 20.22 -11.59 14.36
CA LEU A 144 19.97 -10.33 13.64
C LEU A 144 19.54 -10.53 12.21
N THR A 145 20.07 -11.58 11.55
CA THR A 145 19.73 -11.85 10.14
C THR A 145 18.25 -11.78 9.85
N ASN A 146 17.44 -12.56 10.59
CA ASN A 146 16.01 -12.58 10.35
C ASN A 146 15.24 -11.53 11.11
N TRP A 147 15.88 -10.81 12.06
CA TRP A 147 15.22 -9.68 12.73
C TRP A 147 14.81 -8.65 11.63
N ILE A 148 15.71 -8.39 10.67
CA ILE A 148 15.56 -7.41 9.60
C ILE A 148 14.87 -8.00 8.33
N GLU A 149 14.29 -9.20 8.44
CA GLU A 149 13.52 -9.77 7.31
C GLU A 149 12.30 -8.85 6.99
N THR A 150 11.56 -8.41 8.02
CA THR A 150 10.32 -7.64 7.81
C THR A 150 10.58 -6.39 6.97
N ILE A 151 11.59 -5.63 7.38
CA ILE A 151 11.99 -4.41 6.70
C ILE A 151 12.53 -4.72 5.28
N LEU A 152 13.31 -5.78 5.10
CA LEU A 152 13.87 -6.04 3.78
C LEU A 152 12.86 -6.62 2.82
N VAL A 153 11.93 -7.45 3.32
CA VAL A 153 10.90 -8.07 2.48
C VAL A 153 9.98 -7.02 1.87
N GLN A 154 9.91 -5.81 2.49
CA GLN A 154 9.12 -4.70 1.94
C GLN A 154 9.66 -4.20 0.59
N SER A 155 10.87 -4.69 0.19
CA SER A 155 11.45 -4.44 -1.14
C SER A 155 10.53 -5.10 -2.20
N TRP A 156 9.64 -6.03 -1.78
CA TRP A 156 8.66 -6.61 -2.72
C TRP A 156 7.91 -5.51 -3.47
N TYR A 157 7.60 -4.40 -2.77
CA TYR A 157 6.75 -3.35 -3.29
C TYR A 157 7.44 -2.59 -4.42
N PRO A 158 8.62 -1.95 -4.26
CA PRO A 158 9.28 -1.34 -5.45
C PRO A 158 9.64 -2.37 -6.55
N ILE A 159 9.95 -3.63 -6.21
CA ILE A 159 10.22 -4.65 -7.23
C ILE A 159 8.94 -4.88 -8.08
N THR A 160 7.82 -5.08 -7.40
CA THR A 160 6.54 -5.38 -8.05
C THR A 160 6.04 -4.18 -8.88
N VAL A 161 6.12 -2.94 -8.35
CA VAL A 161 5.69 -1.78 -9.14
C VAL A 161 6.58 -1.70 -10.39
N ALA A 162 7.92 -1.77 -10.20
CA ALA A 162 8.83 -1.66 -11.36
C ALA A 162 8.59 -2.74 -12.41
N THR A 163 8.38 -3.97 -11.96
CA THR A 163 8.13 -5.13 -12.84
C THR A 163 6.83 -4.97 -13.61
N ASN A 164 5.74 -4.69 -12.86
CA ASN A 164 4.44 -4.50 -13.47
C ASN A 164 4.41 -3.28 -14.45
N SER A 165 5.13 -2.20 -14.14
CA SER A 165 5.23 -1.03 -15.00
C SER A 165 6.00 -1.41 -16.28
N ARG A 166 7.08 -2.18 -16.15
CA ARG A 166 7.90 -2.59 -17.29
C ARG A 166 7.09 -3.54 -18.21
N GLU A 167 6.23 -4.41 -17.62
CA GLU A 167 5.41 -5.31 -18.41
C GLU A 167 4.41 -4.47 -19.22
N GLN A 168 3.93 -3.35 -18.67
CA GLN A 168 3.04 -2.47 -19.44
C GLN A 168 3.77 -1.76 -20.57
N LYS A 169 5.02 -1.36 -20.32
CA LYS A 169 5.86 -0.75 -21.35
C LYS A 169 6.07 -1.75 -22.51
N LYS A 170 6.24 -3.07 -22.22
CA LYS A 170 6.39 -4.10 -23.28
C LYS A 170 5.17 -4.12 -24.20
N ILE A 171 3.95 -4.09 -23.60
CA ILE A 171 2.68 -4.05 -24.35
C ILE A 171 2.63 -2.78 -25.20
N LEU A 172 2.87 -1.61 -24.58
CA LEU A 172 2.87 -0.31 -25.27
C LEU A 172 3.88 -0.29 -26.40
N ALA A 173 5.12 -0.77 -26.15
CA ALA A 173 6.18 -0.80 -27.16
C ALA A 173 5.78 -1.65 -28.37
N LYS A 174 5.21 -2.83 -28.13
CA LYS A 174 4.77 -3.76 -29.18
C LYS A 174 3.73 -3.11 -30.10
N TYR A 175 2.65 -2.55 -29.53
CA TYR A 175 1.58 -1.93 -30.29
C TYR A 175 1.98 -0.59 -30.93
N LEU A 176 2.83 0.22 -30.26
CA LEU A 176 3.29 1.47 -30.84
C LEU A 176 4.18 1.15 -32.08
N LEU A 177 5.10 0.15 -31.95
CA LEU A 177 5.97 -0.27 -33.07
C LEU A 177 5.16 -0.81 -34.25
N GLU A 178 4.17 -1.64 -33.96
CA GLU A 178 3.31 -2.23 -34.99
C GLU A 178 2.42 -1.20 -35.70
N THR A 179 1.88 -0.24 -34.95
CA THR A 179 0.98 0.73 -35.57
C THR A 179 1.64 2.03 -36.11
N SER A 180 2.92 2.30 -35.79
CA SER A 180 3.61 3.53 -36.23
C SER A 180 5.01 3.35 -36.84
N GLY A 181 5.65 2.21 -36.59
CA GLY A 181 6.97 1.91 -37.10
C GLY A 181 8.11 2.32 -36.20
N ASN A 182 7.79 2.94 -35.04
CA ASN A 182 8.83 3.35 -34.11
C ASN A 182 8.34 3.41 -32.67
N LEU A 183 9.22 3.83 -31.74
CA LEU A 183 8.89 3.91 -30.32
C LEU A 183 8.90 5.37 -29.77
N ASP A 184 8.81 6.40 -30.66
CA ASP A 184 8.86 7.80 -30.22
C ASP A 184 7.81 8.12 -29.12
N GLY A 185 8.27 8.76 -28.04
CA GLY A 185 7.41 9.19 -26.94
C GLY A 185 6.82 8.07 -26.09
N LEU A 186 7.32 6.83 -26.28
CA LEU A 186 6.92 5.64 -25.51
C LEU A 186 7.04 5.88 -23.98
N GLU A 187 8.11 6.56 -23.53
CA GLU A 187 8.34 6.80 -22.08
C GLU A 187 7.35 7.79 -21.43
N TYR A 188 6.46 8.38 -22.22
CA TYR A 188 5.44 9.30 -21.71
C TYR A 188 4.04 8.71 -21.86
N LYS A 189 3.95 7.48 -22.41
CA LYS A 189 2.66 6.84 -22.72
C LYS A 189 1.92 6.22 -21.52
N LEU A 190 2.59 6.06 -20.38
CA LEU A 190 1.94 5.53 -19.17
C LEU A 190 2.29 6.46 -18.01
N HIS A 191 1.33 7.31 -17.64
CA HIS A 191 1.49 8.36 -16.64
C HIS A 191 0.95 7.91 -15.29
N ASP A 192 1.65 8.28 -14.23
CA ASP A 192 1.32 7.89 -12.88
C ASP A 192 0.32 8.90 -12.33
N PHE A 193 -0.91 8.42 -12.09
CA PHE A 193 -2.01 9.17 -11.50
C PHE A 193 -2.30 8.65 -10.05
N GLY A 194 -1.40 7.85 -9.48
CA GLY A 194 -1.66 7.10 -8.26
C GLY A 194 -1.47 7.72 -6.90
N TYR A 195 -1.07 9.00 -6.82
CA TYR A 195 -0.77 9.61 -5.50
C TYR A 195 -1.90 9.44 -4.48
N ARG A 196 -3.14 9.80 -4.84
CA ARG A 196 -4.28 9.73 -3.91
C ARG A 196 -4.71 8.30 -3.57
N GLY A 197 -4.46 7.38 -4.52
CA GLY A 197 -4.87 5.99 -4.45
C GLY A 197 -3.95 5.06 -3.70
N VAL A 198 -2.79 5.54 -3.22
CA VAL A 198 -1.89 4.68 -2.45
C VAL A 198 -2.20 4.79 -0.92
N SER A 199 -1.60 3.91 -0.14
CA SER A 199 -1.91 3.84 1.28
C SER A 199 -1.22 4.85 2.20
N SER A 200 -0.20 5.55 1.71
CA SER A 200 0.53 6.54 2.53
C SER A 200 1.42 7.41 1.66
N GLN A 201 1.97 8.46 2.27
CA GLN A 201 2.94 9.35 1.62
C GLN A 201 4.21 8.57 1.29
N GLU A 202 4.66 7.69 2.22
CA GLU A 202 5.89 6.94 1.99
C GLU A 202 5.76 6.00 0.80
N THR A 203 4.64 5.29 0.76
CA THR A 203 4.35 4.37 -0.35
C THR A 203 4.31 5.18 -1.68
N ALA A 204 3.64 6.34 -1.68
CA ALA A 204 3.60 7.20 -2.86
C ALA A 204 5.00 7.42 -3.45
N GLY A 205 5.95 7.89 -2.63
CA GLY A 205 7.31 8.12 -3.10
C GLY A 205 7.99 6.88 -3.66
N ILE A 206 7.91 5.74 -2.90
CA ILE A 206 8.57 4.48 -3.31
C ILE A 206 7.97 3.99 -4.64
N GLY A 207 6.65 3.91 -4.68
CA GLY A 207 5.90 3.42 -5.83
C GLY A 207 6.12 4.30 -7.05
N ALA A 208 6.04 5.63 -6.88
CA ALA A 208 6.23 6.53 -8.03
C ALA A 208 7.66 6.39 -8.54
N SER A 209 8.65 6.21 -7.64
CA SER A 209 10.03 6.07 -8.10
C SER A 209 10.26 4.79 -8.93
N ALA A 210 9.59 3.69 -8.53
CA ALA A 210 9.67 2.40 -9.21
C ALA A 210 9.05 2.52 -10.62
N HIS A 211 7.93 3.26 -10.75
CA HIS A 211 7.37 3.50 -12.09
C HIS A 211 8.36 4.28 -13.00
N LEU A 212 9.08 5.25 -12.42
CA LEU A 212 10.08 6.07 -13.14
C LEU A 212 11.32 5.31 -13.61
N VAL A 213 11.48 4.04 -13.17
CA VAL A 213 12.54 3.19 -13.69
C VAL A 213 12.25 2.94 -15.18
N ASN A 214 10.93 2.86 -15.56
CA ASN A 214 10.55 2.56 -16.93
C ASN A 214 10.00 3.76 -17.74
N PHE A 215 9.36 4.70 -17.09
CA PHE A 215 8.72 5.84 -17.74
C PHE A 215 9.23 7.16 -17.22
N LYS A 216 8.81 8.25 -17.87
CA LYS A 216 9.24 9.59 -17.49
C LYS A 216 8.08 10.51 -17.15
N GLY A 217 6.86 9.98 -17.16
CA GLY A 217 5.67 10.78 -16.86
C GLY A 217 5.06 10.44 -15.52
N THR A 218 4.94 11.44 -14.65
CA THR A 218 4.37 11.26 -13.32
C THR A 218 3.66 12.48 -12.78
N ASP A 219 2.58 12.27 -12.01
CA ASP A 219 1.94 13.29 -11.24
C ASP A 219 2.22 13.06 -9.74
N THR A 220 2.86 11.93 -9.40
CA THR A 220 3.16 11.63 -8.00
C THR A 220 4.49 12.27 -7.66
N VAL A 221 4.42 13.57 -7.31
CA VAL A 221 5.55 14.47 -6.98
C VAL A 221 6.54 13.86 -5.96
N ALA A 222 6.02 13.11 -4.98
CA ALA A 222 6.77 12.43 -3.92
C ALA A 222 7.93 11.59 -4.49
N GLY A 223 7.73 11.01 -5.67
CA GLY A 223 8.72 10.21 -6.36
C GLY A 223 10.02 10.94 -6.69
N LEU A 224 9.91 12.20 -7.12
CA LEU A 224 11.03 13.06 -7.50
C LEU A 224 12.06 13.22 -6.36
N ALA A 225 11.61 13.60 -5.15
CA ALA A 225 12.50 13.81 -4.00
C ALA A 225 13.16 12.54 -3.52
N LEU A 226 12.46 11.38 -3.64
CA LEU A 226 13.05 10.09 -3.24
C LEU A 226 14.23 9.76 -4.17
N ILE A 227 14.03 9.90 -5.48
CA ILE A 227 15.08 9.61 -6.47
C ILE A 227 16.26 10.54 -6.24
N LYS A 228 15.99 11.86 -6.07
CA LYS A 228 17.01 12.89 -5.85
C LYS A 228 17.93 12.54 -4.66
N LYS A 229 17.30 12.24 -3.50
CA LYS A 229 17.95 11.93 -2.22
C LYS A 229 18.70 10.58 -2.19
N TYR A 230 18.07 9.49 -2.69
CA TYR A 230 18.63 8.13 -2.58
C TYR A 230 19.30 7.55 -3.82
N TYR A 231 19.00 8.06 -5.01
CA TYR A 231 19.55 7.46 -6.23
C TYR A 231 20.32 8.44 -7.10
N GLY A 232 19.69 9.54 -7.48
CA GLY A 232 20.28 10.62 -8.27
C GLY A 232 20.20 10.44 -9.77
N THR A 233 19.99 11.57 -10.48
CA THR A 233 19.96 11.59 -11.94
C THR A 233 20.87 12.75 -12.44
N LYS A 234 21.44 12.60 -13.64
CA LYS A 234 22.21 13.63 -14.36
C LYS A 234 21.27 14.81 -14.64
N ASP A 235 20.03 14.49 -15.10
CA ASP A 235 18.99 15.49 -15.36
C ASP A 235 18.48 16.10 -14.07
N PRO A 236 18.01 17.38 -14.07
CA PRO A 236 17.51 17.97 -12.82
C PRO A 236 16.38 17.16 -12.19
N VAL A 237 15.50 16.56 -13.02
CA VAL A 237 14.38 15.71 -12.54
C VAL A 237 14.21 14.41 -13.32
N PRO A 238 13.76 13.31 -12.62
CA PRO A 238 13.55 12.04 -13.34
C PRO A 238 12.19 11.95 -14.03
N GLY A 239 11.24 12.83 -13.67
CA GLY A 239 9.89 12.79 -14.21
C GLY A 239 9.27 14.14 -14.53
N TYR A 240 8.32 14.11 -15.47
CA TYR A 240 7.72 15.29 -16.02
C TYR A 240 6.19 15.23 -16.13
N SER A 241 5.58 16.41 -16.13
CA SER A 241 4.13 16.49 -16.32
C SER A 241 3.73 17.75 -17.07
N VAL A 242 2.45 17.83 -17.41
CA VAL A 242 1.89 18.95 -18.14
C VAL A 242 0.68 19.51 -17.36
N PRO A 243 0.23 20.76 -17.64
CA PRO A 243 -0.98 21.27 -16.97
C PRO A 243 -2.19 20.42 -17.40
N ALA A 244 -3.11 20.19 -16.45
CA ALA A 244 -4.27 19.35 -16.69
C ALA A 244 -5.41 19.80 -15.79
N ALA A 245 -6.65 19.61 -16.26
CA ALA A 245 -7.86 19.95 -15.49
C ALA A 245 -8.32 18.75 -14.66
N GLU A 246 -9.14 19.03 -13.63
CA GLU A 246 -9.83 18.03 -12.80
C GLU A 246 -11.28 18.42 -12.81
N HIS A 247 -12.19 17.55 -12.32
CA HIS A 247 -13.61 17.90 -12.36
C HIS A 247 -13.92 19.18 -11.63
N SER A 248 -13.23 19.51 -10.52
CA SER A 248 -13.51 20.73 -9.77
C SER A 248 -13.26 21.97 -10.63
N THR A 249 -12.22 21.99 -11.48
CA THR A 249 -11.88 23.15 -12.32
C THR A 249 -12.81 23.29 -13.51
N ILE A 250 -13.47 22.19 -13.89
CA ILE A 250 -14.49 22.27 -14.94
C ILE A 250 -15.85 22.65 -14.32
N THR A 251 -16.36 21.79 -13.37
CA THR A 251 -17.67 21.94 -12.74
C THR A 251 -17.86 23.26 -11.97
N ALA A 252 -16.76 23.87 -11.43
CA ALA A 252 -16.86 25.17 -10.71
C ALA A 252 -17.48 26.28 -11.56
N TRP A 253 -17.43 26.15 -12.90
CA TRP A 253 -18.02 27.13 -13.82
C TRP A 253 -19.55 27.05 -13.92
N GLY A 254 -20.11 25.92 -13.46
CA GLY A 254 -21.54 25.63 -13.53
C GLY A 254 -21.83 24.74 -14.71
N LYS A 255 -22.89 23.90 -14.60
CA LYS A 255 -23.26 22.93 -15.65
C LYS A 255 -23.47 23.54 -17.06
N ASP A 256 -23.97 24.79 -17.14
CA ASP A 256 -24.24 25.45 -18.42
C ASP A 256 -23.02 26.17 -19.01
N HIS A 257 -21.90 26.18 -18.28
CA HIS A 257 -20.70 26.90 -18.72
C HIS A 257 -19.48 25.99 -18.93
N GLU A 258 -19.70 24.71 -19.29
CA GLU A 258 -18.61 23.77 -19.58
C GLU A 258 -17.71 24.29 -20.72
N LYS A 259 -18.32 24.91 -21.76
CA LYS A 259 -17.55 25.46 -22.88
C LYS A 259 -16.64 26.61 -22.41
N ASP A 260 -17.15 27.48 -21.51
CA ASP A 260 -16.40 28.60 -20.94
C ASP A 260 -15.20 28.10 -20.15
N ALA A 261 -15.38 27.00 -19.34
CA ALA A 261 -14.30 26.39 -18.58
C ALA A 261 -13.22 25.92 -19.58
N PHE A 262 -13.61 25.14 -20.60
CA PHE A 262 -12.69 24.60 -21.62
C PHE A 262 -11.94 25.72 -22.34
N GLU A 263 -12.66 26.77 -22.75
CA GLU A 263 -12.06 27.90 -23.47
C GLU A 263 -11.00 28.59 -22.63
N HIS A 264 -11.32 28.87 -21.35
CA HIS A 264 -10.42 29.54 -20.40
C HIS A 264 -9.16 28.71 -20.22
N ILE A 265 -9.34 27.39 -20.01
CA ILE A 265 -8.23 26.49 -19.71
C ILE A 265 -7.26 26.38 -20.91
N VAL A 266 -7.75 26.11 -22.14
CA VAL A 266 -6.86 25.99 -23.31
C VAL A 266 -6.19 27.35 -23.65
N THR A 267 -6.82 28.49 -23.27
CA THR A 267 -6.25 29.83 -23.53
C THR A 267 -5.15 30.12 -22.49
N GLN A 268 -5.36 29.68 -21.24
CA GLN A 268 -4.34 29.85 -20.19
C GLN A 268 -3.07 29.06 -20.49
N PHE A 269 -3.21 27.87 -21.10
CA PHE A 269 -2.10 26.98 -21.42
C PHE A 269 -2.06 26.76 -22.94
N SER A 270 -1.92 27.87 -23.70
CA SER A 270 -1.96 27.82 -25.17
C SER A 270 -0.66 27.39 -25.83
N SER A 271 0.46 27.39 -25.10
CA SER A 271 1.80 27.10 -25.64
C SER A 271 2.47 25.84 -25.10
N VAL A 272 1.77 25.10 -24.21
CA VAL A 272 2.26 23.83 -23.66
C VAL A 272 1.16 22.80 -23.87
N PRO A 273 1.45 21.48 -23.88
CA PRO A 273 0.35 20.49 -23.97
C PRO A 273 -0.59 20.69 -22.78
N VAL A 274 -1.87 20.48 -23.01
CA VAL A 274 -2.84 20.67 -21.92
C VAL A 274 -3.80 19.51 -21.95
N SER A 275 -4.00 18.87 -20.79
CA SER A 275 -4.97 17.77 -20.69
C SER A 275 -6.26 18.33 -20.10
N VAL A 276 -7.41 18.01 -20.70
CA VAL A 276 -8.67 18.55 -20.20
C VAL A 276 -9.72 17.46 -20.04
N VAL A 277 -10.12 17.18 -18.79
CA VAL A 277 -11.14 16.19 -18.47
C VAL A 277 -12.46 16.63 -19.11
N SER A 278 -13.04 15.76 -19.94
CA SER A 278 -14.19 16.17 -20.74
C SER A 278 -15.47 15.40 -20.48
N ASP A 279 -15.51 14.56 -19.42
CA ASP A 279 -16.65 13.71 -19.13
C ASP A 279 -17.54 14.20 -17.99
N SER A 280 -17.35 15.46 -17.46
CA SER A 280 -18.17 15.96 -16.34
C SER A 280 -19.64 15.70 -16.49
N TYR A 281 -20.19 15.91 -17.70
CA TYR A 281 -21.62 15.72 -17.96
C TYR A 281 -21.88 14.78 -19.12
N ASP A 282 -21.21 15.01 -20.27
CA ASP A 282 -21.39 14.14 -21.42
C ASP A 282 -20.14 14.20 -22.29
N ILE A 283 -19.27 13.20 -22.13
CA ILE A 283 -18.01 13.06 -22.87
C ILE A 283 -18.17 13.15 -24.39
N TYR A 284 -19.20 12.48 -24.91
CA TYR A 284 -19.48 12.40 -26.35
C TYR A 284 -19.93 13.74 -26.90
N ASN A 285 -20.75 14.47 -26.14
CA ASN A 285 -21.18 15.85 -26.47
C ASN A 285 -19.99 16.79 -26.43
N ALA A 286 -19.14 16.71 -25.37
CA ALA A 286 -17.97 17.57 -25.24
C ALA A 286 -17.04 17.39 -26.48
N CYS A 287 -16.81 16.12 -26.89
CA CYS A 287 -15.98 15.84 -28.06
C CYS A 287 -16.60 16.33 -29.37
N GLU A 288 -17.86 15.97 -29.61
CA GLU A 288 -18.49 16.31 -30.86
C GLU A 288 -18.89 17.78 -31.02
N LYS A 289 -19.52 18.36 -29.99
CA LYS A 289 -20.07 19.71 -30.09
C LYS A 289 -19.20 20.82 -29.51
N ILE A 290 -18.56 20.60 -28.35
CA ILE A 290 -17.75 21.65 -27.72
C ILE A 290 -16.40 21.74 -28.37
N TRP A 291 -15.60 20.65 -28.30
CA TRP A 291 -14.30 20.66 -28.95
C TRP A 291 -14.44 20.64 -30.47
N GLY A 292 -15.34 19.79 -30.96
CA GLY A 292 -15.50 19.52 -32.38
C GLY A 292 -16.13 20.61 -33.21
N GLU A 293 -16.81 21.56 -32.55
CA GLU A 293 -17.53 22.62 -33.23
C GLU A 293 -17.30 23.99 -32.59
N ASP A 294 -17.86 24.23 -31.40
CA ASP A 294 -17.80 25.53 -30.72
C ASP A 294 -16.39 26.06 -30.49
N LEU A 295 -15.47 25.19 -30.05
CA LEU A 295 -14.12 25.61 -29.72
C LEU A 295 -13.06 25.08 -30.70
N ARG A 296 -13.50 24.43 -31.80
CA ARG A 296 -12.61 23.85 -32.83
C ARG A 296 -11.52 24.84 -33.33
N HIS A 297 -11.86 26.13 -33.46
CA HIS A 297 -10.94 27.18 -33.89
C HIS A 297 -9.76 27.41 -32.91
N LEU A 298 -9.95 27.13 -31.61
CA LEU A 298 -8.91 27.25 -30.59
C LEU A 298 -8.01 26.01 -30.53
N ILE A 299 -8.46 24.91 -31.15
CA ILE A 299 -7.69 23.67 -31.15
C ILE A 299 -6.80 23.53 -32.39
N VAL A 300 -7.36 23.80 -33.57
CA VAL A 300 -6.63 23.61 -34.83
C VAL A 300 -5.49 24.61 -35.03
N SER A 301 -5.45 25.65 -34.20
CA SER A 301 -4.44 26.71 -34.20
C SER A 301 -3.27 26.36 -33.29
N ARG A 302 -3.39 25.26 -32.49
CA ARG A 302 -2.34 24.86 -31.54
C ARG A 302 -1.10 24.23 -32.19
N SER A 303 0.07 24.44 -31.55
CA SER A 303 1.36 23.92 -31.98
C SER A 303 1.44 22.40 -31.81
N THR A 304 2.30 21.76 -32.60
CA THR A 304 2.62 20.34 -32.51
C THR A 304 3.22 20.02 -31.14
N GLN A 305 3.89 21.02 -30.51
CA GLN A 305 4.52 20.88 -29.20
C GLN A 305 3.53 21.16 -28.04
N ALA A 306 2.29 21.59 -28.37
CA ALA A 306 1.27 21.98 -27.42
C ALA A 306 -0.11 21.39 -27.78
N PRO A 307 -0.25 20.06 -27.91
CA PRO A 307 -1.58 19.56 -28.25
C PRO A 307 -2.59 19.71 -27.12
N LEU A 308 -3.88 19.65 -27.51
CA LEU A 308 -4.96 19.49 -26.57
C LEU A 308 -5.00 17.96 -26.37
N ILE A 309 -5.06 17.52 -25.10
CA ILE A 309 -5.19 16.11 -24.79
C ILE A 309 -6.56 15.95 -24.13
N ILE A 310 -7.52 15.34 -24.86
CA ILE A 310 -8.87 15.17 -24.35
C ILE A 310 -8.84 13.99 -23.36
N ARG A 311 -9.44 14.17 -22.18
CA ARG A 311 -9.42 13.12 -21.18
C ARG A 311 -10.80 12.57 -20.80
N PRO A 312 -11.20 11.37 -21.30
CA PRO A 312 -12.40 10.74 -20.74
C PRO A 312 -12.05 10.19 -19.36
N ASP A 313 -13.04 9.99 -18.48
CA ASP A 313 -12.75 9.52 -17.12
C ASP A 313 -13.84 8.63 -16.55
N SER A 314 -14.67 8.02 -17.40
CA SER A 314 -15.77 7.17 -16.95
C SER A 314 -16.25 6.32 -18.08
N GLY A 315 -17.05 5.31 -17.75
CA GLY A 315 -17.63 4.37 -18.70
C GLY A 315 -16.69 3.21 -18.94
N ASN A 316 -17.07 2.32 -19.87
CA ASN A 316 -16.22 1.17 -20.20
C ASN A 316 -14.93 1.73 -20.82
N PRO A 317 -13.72 1.44 -20.29
CA PRO A 317 -12.50 2.10 -20.84
C PRO A 317 -12.25 1.90 -22.33
N LEU A 318 -12.44 0.68 -22.87
CA LEU A 318 -12.25 0.40 -24.29
C LEU A 318 -13.36 1.06 -25.14
N ASP A 319 -14.64 0.85 -24.78
CA ASP A 319 -15.76 1.40 -25.54
C ASP A 319 -15.67 2.92 -25.62
N THR A 320 -15.29 3.56 -24.51
CA THR A 320 -15.18 5.02 -24.43
C THR A 320 -14.07 5.53 -25.34
N VAL A 321 -12.86 4.92 -25.26
CA VAL A 321 -11.72 5.31 -26.10
C VAL A 321 -12.08 5.23 -27.58
N LEU A 322 -12.69 4.10 -28.02
CA LEU A 322 -13.06 3.90 -29.42
C LEU A 322 -14.10 4.90 -29.90
N LYS A 323 -15.11 5.16 -29.07
CA LYS A 323 -16.17 6.10 -29.45
C LYS A 323 -15.62 7.53 -29.52
N VAL A 324 -14.78 7.94 -28.54
CA VAL A 324 -14.14 9.26 -28.56
C VAL A 324 -13.29 9.41 -29.87
N LEU A 325 -12.47 8.40 -30.20
CA LEU A 325 -11.67 8.44 -31.43
C LEU A 325 -12.54 8.54 -32.71
N GLU A 326 -13.66 7.78 -32.77
CA GLU A 326 -14.55 7.82 -33.93
C GLU A 326 -15.19 9.23 -34.07
N ILE A 327 -15.58 9.85 -32.94
CA ILE A 327 -16.12 11.22 -32.93
C ILE A 327 -15.08 12.21 -33.42
N LEU A 328 -13.87 12.15 -32.83
CA LEU A 328 -12.81 13.08 -33.20
C LEU A 328 -12.37 12.93 -34.65
N GLY A 329 -12.37 11.70 -35.14
CA GLY A 329 -12.00 11.36 -36.51
C GLY A 329 -12.91 11.99 -37.54
N LYS A 330 -14.18 12.23 -37.15
CA LYS A 330 -15.19 12.85 -38.01
C LYS A 330 -15.22 14.39 -37.89
N LYS A 331 -14.62 14.97 -36.82
CA LYS A 331 -14.60 16.43 -36.63
C LYS A 331 -13.27 17.07 -37.00
N PHE A 332 -12.20 16.26 -37.01
CA PHE A 332 -10.83 16.72 -37.26
C PHE A 332 -10.16 16.00 -38.44
N PRO A 333 -9.16 16.66 -39.10
CA PRO A 333 -8.48 16.00 -40.23
C PRO A 333 -7.62 14.79 -39.85
N VAL A 334 -8.05 13.60 -40.27
CA VAL A 334 -7.30 12.39 -39.99
C VAL A 334 -6.42 12.01 -41.18
N THR A 335 -5.22 11.55 -40.88
CA THR A 335 -4.27 11.09 -41.88
C THR A 335 -4.08 9.59 -41.69
N GLU A 336 -3.43 8.95 -42.68
CA GLU A 336 -3.09 7.55 -42.63
C GLU A 336 -1.60 7.52 -42.61
N ASN A 337 -1.02 6.93 -41.56
CA ASN A 337 0.43 6.86 -41.45
C ASN A 337 1.01 5.75 -42.38
N SER A 338 2.34 5.67 -42.46
CA SER A 338 3.01 4.72 -43.35
C SER A 338 2.68 3.24 -43.06
N LYS A 339 2.09 2.96 -41.88
CA LYS A 339 1.71 1.60 -41.50
C LYS A 339 0.25 1.29 -41.81
N GLY A 340 -0.48 2.30 -42.30
CA GLY A 340 -1.88 2.18 -42.65
C GLY A 340 -2.82 2.50 -41.51
N TYR A 341 -2.30 3.13 -40.43
CA TYR A 341 -3.14 3.43 -39.25
C TYR A 341 -3.56 4.89 -39.19
N LYS A 342 -4.79 5.11 -38.70
CA LYS A 342 -5.42 6.41 -38.58
C LYS A 342 -4.69 7.24 -37.54
N LEU A 343 -4.48 8.51 -37.86
CA LEU A 343 -3.72 9.41 -36.99
C LEU A 343 -4.44 10.75 -36.90
N LEU A 344 -4.75 11.20 -35.67
CA LEU A 344 -5.38 12.49 -35.43
C LEU A 344 -4.37 13.58 -35.79
N PRO A 345 -4.81 14.84 -36.03
CA PRO A 345 -3.83 15.91 -36.28
C PRO A 345 -2.91 16.12 -35.08
N PRO A 346 -1.67 16.67 -35.27
CA PRO A 346 -0.70 16.73 -34.16
C PRO A 346 -1.06 17.62 -32.97
N TYR A 347 -2.04 18.52 -33.11
CA TYR A 347 -2.48 19.39 -32.01
C TYR A 347 -3.57 18.68 -31.16
N LEU A 348 -3.89 17.40 -31.47
CA LEU A 348 -4.95 16.69 -30.76
C LEU A 348 -4.61 15.25 -30.37
N ARG A 349 -4.70 14.95 -29.06
CA ARG A 349 -4.44 13.61 -28.55
C ARG A 349 -5.51 13.23 -27.52
N VAL A 350 -5.45 11.97 -27.02
CA VAL A 350 -6.39 11.46 -26.01
C VAL A 350 -5.58 10.77 -24.93
N ILE A 351 -6.02 10.91 -23.66
CA ILE A 351 -5.42 10.17 -22.55
C ILE A 351 -6.54 9.45 -21.83
N GLN A 352 -6.45 8.12 -21.72
CA GLN A 352 -7.44 7.34 -20.95
C GLN A 352 -6.84 7.16 -19.54
N GLY A 353 -7.45 7.79 -18.53
CA GLY A 353 -6.93 7.81 -17.16
C GLY A 353 -7.80 7.19 -16.08
N ASP A 354 -8.85 6.44 -16.50
CA ASP A 354 -9.77 5.74 -15.61
C ASP A 354 -9.73 4.24 -15.93
N GLY A 355 -9.75 3.42 -14.87
CA GLY A 355 -9.77 1.97 -14.95
C GLY A 355 -8.61 1.31 -15.69
N VAL A 356 -7.44 1.98 -15.76
CA VAL A 356 -6.26 1.42 -16.44
C VAL A 356 -5.44 0.53 -15.49
N ASP A 357 -5.26 -0.73 -15.90
CA ASP A 357 -4.35 -1.67 -15.27
C ASP A 357 -3.68 -2.45 -16.39
N ILE A 358 -2.82 -3.44 -16.07
CA ILE A 358 -2.14 -4.14 -17.18
C ILE A 358 -3.13 -4.88 -18.13
N ASN A 359 -4.26 -5.37 -17.59
CA ASN A 359 -5.28 -6.07 -18.38
C ASN A 359 -6.07 -5.14 -19.29
N THR A 360 -6.55 -4.01 -18.76
CA THR A 360 -7.33 -3.05 -19.54
C THR A 360 -6.43 -2.33 -20.54
N LEU A 361 -5.16 -2.04 -20.15
CA LEU A 361 -4.19 -1.42 -21.08
C LEU A 361 -4.06 -2.29 -22.37
N GLN A 362 -3.87 -3.60 -22.20
CA GLN A 362 -3.81 -4.59 -23.28
C GLN A 362 -5.09 -4.60 -24.13
N GLU A 363 -6.26 -4.67 -23.48
CA GLU A 363 -7.56 -4.65 -24.17
C GLU A 363 -7.71 -3.37 -25.01
N ILE A 364 -7.28 -2.20 -24.47
CA ILE A 364 -7.44 -0.94 -25.21
C ILE A 364 -6.54 -0.90 -26.45
N VAL A 365 -5.23 -1.17 -26.31
CA VAL A 365 -4.32 -1.08 -27.47
C VAL A 365 -4.70 -2.10 -28.57
N GLU A 366 -5.15 -3.32 -28.16
CA GLU A 366 -5.63 -4.34 -29.11
C GLU A 366 -6.90 -3.86 -29.83
N GLY A 367 -7.84 -3.28 -29.07
CA GLY A 367 -9.09 -2.72 -29.59
C GLY A 367 -8.82 -1.62 -30.59
N MET A 368 -7.88 -0.71 -30.27
CA MET A 368 -7.45 0.37 -31.18
C MET A 368 -6.85 -0.16 -32.47
N LYS A 369 -5.94 -1.14 -32.35
CA LYS A 369 -5.31 -1.76 -33.52
C LYS A 369 -6.36 -2.38 -34.44
N GLN A 370 -7.37 -3.08 -33.86
CA GLN A 370 -8.45 -3.73 -34.63
C GLN A 370 -9.28 -2.71 -35.41
N LYS A 371 -9.46 -1.50 -34.83
CA LYS A 371 -10.23 -0.40 -35.45
C LYS A 371 -9.32 0.55 -36.25
N MET A 372 -8.08 0.12 -36.51
CA MET A 372 -7.07 0.81 -37.32
C MET A 372 -6.62 2.18 -36.79
N TRP A 373 -6.59 2.35 -35.45
CA TRP A 373 -6.13 3.58 -34.81
C TRP A 373 -4.72 3.41 -34.33
N SER A 374 -3.85 4.38 -34.65
CA SER A 374 -2.47 4.30 -34.21
C SER A 374 -2.35 4.51 -32.68
N ILE A 375 -1.39 3.82 -32.03
CA ILE A 375 -1.17 4.04 -30.59
C ILE A 375 -0.52 5.41 -30.39
N GLU A 376 -0.06 6.08 -31.49
CA GLU A 376 0.47 7.41 -31.29
C GLU A 376 -0.65 8.39 -30.83
N ASN A 377 -1.90 8.02 -31.07
CA ASN A 377 -3.06 8.84 -30.70
C ASN A 377 -3.35 8.91 -29.20
N ILE A 378 -2.87 7.91 -28.46
CA ILE A 378 -3.24 7.75 -27.06
C ILE A 378 -2.08 7.70 -26.08
N ALA A 379 -2.41 8.03 -24.83
CA ALA A 379 -1.56 7.84 -23.67
C ALA A 379 -2.51 7.30 -22.59
N PHE A 380 -1.95 6.76 -21.54
CA PHE A 380 -2.69 6.20 -20.44
C PHE A 380 -2.28 6.81 -19.12
N GLY A 381 -3.24 7.01 -18.25
CA GLY A 381 -3.00 7.45 -16.89
C GLY A 381 -3.46 6.29 -16.03
N SER A 382 -2.63 5.88 -15.05
CA SER A 382 -2.99 4.76 -14.17
C SER A 382 -2.66 5.11 -12.73
N GLY A 383 -3.62 4.88 -11.84
CA GLY A 383 -3.48 5.19 -10.43
C GLY A 383 -3.35 3.95 -9.59
N GLY A 384 -4.48 3.47 -9.08
CA GLY A 384 -4.54 2.24 -8.28
C GLY A 384 -3.94 1.03 -8.98
N GLY A 385 -4.17 0.89 -10.28
CA GLY A 385 -3.62 -0.25 -11.01
C GLY A 385 -2.11 -0.28 -11.08
N LEU A 386 -1.50 0.91 -11.11
CA LEU A 386 -0.06 1.05 -11.19
C LEU A 386 0.62 0.96 -9.83
N LEU A 387 0.07 1.64 -8.82
CA LEU A 387 0.73 1.72 -7.50
C LEU A 387 0.11 1.02 -6.30
N GLN A 388 -1.18 0.64 -6.35
CA GLN A 388 -1.80 0.05 -5.16
C GLN A 388 -2.32 -1.37 -5.29
N LYS A 389 -2.92 -1.70 -6.44
CA LYS A 389 -3.56 -3.00 -6.69
C LYS A 389 -2.47 -4.06 -6.97
N LEU A 390 -1.60 -4.26 -5.98
CA LEU A 390 -0.45 -5.16 -6.07
C LEU A 390 -0.21 -5.72 -4.69
N THR A 391 0.28 -6.97 -4.63
CA THR A 391 0.56 -7.64 -3.37
C THR A 391 1.85 -8.44 -3.47
N ARG A 392 2.36 -8.84 -2.32
CA ARG A 392 3.58 -9.63 -2.24
C ARG A 392 3.44 -11.00 -2.94
N ASP A 393 2.20 -11.46 -3.10
CA ASP A 393 1.81 -12.72 -3.74
C ASP A 393 1.98 -12.68 -5.27
N LEU A 394 1.91 -11.49 -5.92
CA LEU A 394 1.98 -11.38 -7.37
C LEU A 394 3.28 -12.03 -7.91
N LEU A 395 4.43 -11.68 -7.32
CA LEU A 395 5.73 -12.27 -7.68
C LEU A 395 6.25 -13.31 -6.68
N ASN A 396 5.44 -13.63 -5.66
CA ASN A 396 5.83 -14.58 -4.62
C ASN A 396 7.17 -14.23 -3.97
N CYS A 397 7.32 -12.96 -3.61
CA CYS A 397 8.54 -12.45 -2.94
C CYS A 397 8.65 -13.09 -1.58
N SER A 398 9.79 -13.74 -1.29
CA SER A 398 9.95 -14.55 -0.09
C SER A 398 11.39 -14.48 0.40
N PHE A 399 11.54 -14.47 1.74
CA PHE A 399 12.84 -14.42 2.40
C PHE A 399 12.89 -15.63 3.29
N LYS A 400 13.94 -16.45 3.15
CA LYS A 400 14.08 -17.68 3.91
C LYS A 400 15.50 -17.93 4.29
N CYS A 401 15.68 -18.61 5.42
CA CYS A 401 16.98 -19.08 5.87
C CYS A 401 17.34 -20.31 5.06
N SER A 402 18.57 -20.31 4.46
CA SER A 402 19.09 -21.41 3.65
C SER A 402 20.36 -22.06 4.23
N TYR A 403 21.05 -21.37 5.14
CA TYR A 403 22.30 -21.91 5.68
C TYR A 403 22.51 -21.43 7.10
N VAL A 404 23.06 -22.30 7.93
CA VAL A 404 23.36 -21.99 9.33
C VAL A 404 24.63 -22.70 9.70
N VAL A 405 25.37 -22.12 10.66
CA VAL A 405 26.52 -22.77 11.24
C VAL A 405 26.17 -23.00 12.73
N THR A 406 26.24 -24.27 13.17
CA THR A 406 25.93 -24.66 14.55
C THR A 406 27.05 -25.63 14.95
N ASN A 407 27.69 -25.36 16.10
CA ASN A 407 28.82 -26.13 16.63
C ASN A 407 30.01 -26.17 15.64
N GLY A 408 30.18 -25.07 14.90
CA GLY A 408 31.23 -24.88 13.89
C GLY A 408 30.99 -25.59 12.57
N LEU A 409 29.82 -26.23 12.43
CA LEU A 409 29.48 -26.97 11.22
C LEU A 409 28.32 -26.32 10.47
N GLY A 410 28.56 -26.01 9.20
CA GLY A 410 27.56 -25.45 8.33
C GLY A 410 26.60 -26.52 7.87
N ILE A 411 25.29 -26.23 7.91
CA ILE A 411 24.27 -27.15 7.42
C ILE A 411 23.35 -26.38 6.47
N ASN A 412 22.95 -27.05 5.42
CA ASN A 412 22.06 -26.50 4.41
C ASN A 412 20.65 -26.73 4.87
N VAL A 413 19.91 -25.64 5.12
CA VAL A 413 18.54 -25.73 5.62
C VAL A 413 17.52 -25.22 4.57
N PHE A 414 16.30 -25.67 4.73
CA PHE A 414 15.22 -25.36 3.79
C PHE A 414 13.88 -25.80 4.37
N LYS A 415 12.80 -25.31 3.75
CA LYS A 415 11.46 -25.77 4.04
C LYS A 415 10.96 -26.50 2.79
N ASP A 416 10.02 -27.43 2.98
CA ASP A 416 9.47 -28.22 1.87
C ASP A 416 8.10 -28.75 2.28
N PRO A 417 7.07 -27.86 2.37
CA PRO A 417 5.75 -28.33 2.85
C PRO A 417 5.15 -29.41 1.97
N VAL A 418 4.64 -30.46 2.59
CA VAL A 418 4.05 -31.60 1.88
C VAL A 418 2.95 -31.20 0.88
N ALA A 419 2.08 -30.26 1.26
CA ALA A 419 0.94 -29.85 0.43
C ALA A 419 1.24 -28.75 -0.58
N ASP A 420 2.46 -28.17 -0.55
CA ASP A 420 2.76 -27.12 -1.52
C ASP A 420 4.23 -27.14 -1.95
N PRO A 421 4.55 -27.93 -3.01
CA PRO A 421 5.92 -27.95 -3.54
C PRO A 421 6.44 -26.59 -4.03
N ASN A 422 5.53 -25.66 -4.39
CA ASN A 422 5.90 -24.30 -4.81
C ASN A 422 6.56 -23.50 -3.69
N LYS A 423 6.29 -23.86 -2.42
CA LYS A 423 6.87 -23.18 -1.25
C LYS A 423 8.23 -23.77 -0.79
N ARG A 424 8.75 -24.78 -1.50
CA ARG A 424 10.07 -25.35 -1.23
C ARG A 424 11.10 -24.23 -1.40
N SER A 425 11.97 -24.10 -0.40
CA SER A 425 13.02 -23.08 -0.43
C SER A 425 14.39 -23.68 -0.84
N LYS A 426 15.35 -22.79 -1.22
CA LYS A 426 16.68 -23.21 -1.69
C LYS A 426 17.58 -23.67 -0.53
N LYS A 427 18.57 -24.53 -0.83
CA LYS A 427 19.46 -25.06 0.23
C LYS A 427 20.86 -24.47 0.14
N GLY A 428 21.39 -24.13 1.31
CA GLY A 428 22.75 -23.68 1.54
C GLY A 428 23.14 -22.32 1.05
N ARG A 429 24.46 -22.13 0.92
CA ARG A 429 25.06 -20.89 0.43
C ARG A 429 24.74 -20.76 -1.06
N LEU A 430 24.23 -19.59 -1.45
CA LEU A 430 23.76 -19.32 -2.81
C LEU A 430 24.60 -18.31 -3.55
N SER A 431 24.55 -18.39 -4.88
CA SER A 431 25.27 -17.48 -5.77
C SER A 431 24.49 -17.40 -7.08
N LEU A 432 24.52 -16.25 -7.75
CA LEU A 432 23.81 -16.03 -9.00
C LEU A 432 24.84 -15.95 -10.15
N HIS A 433 24.59 -16.69 -11.22
CA HIS A 433 25.56 -16.77 -12.33
C HIS A 433 24.92 -16.66 -13.71
N ARG A 434 25.74 -16.26 -14.72
CA ARG A 434 25.38 -16.24 -16.14
C ARG A 434 25.59 -17.65 -16.64
N THR A 435 24.62 -18.21 -17.40
CA THR A 435 24.80 -19.56 -17.95
C THR A 435 25.61 -19.46 -19.27
N PRO A 436 26.10 -20.57 -19.91
CA PRO A 436 26.80 -20.40 -21.20
C PRO A 436 25.93 -19.76 -22.28
N ALA A 437 24.57 -19.96 -22.27
CA ALA A 437 23.68 -19.33 -23.24
C ALA A 437 23.27 -17.90 -22.88
N GLY A 438 23.90 -17.35 -21.83
CA GLY A 438 23.65 -15.98 -21.37
C GLY A 438 22.43 -15.80 -20.48
N ASN A 439 21.84 -16.91 -19.98
CA ASN A 439 20.69 -16.84 -19.06
C ASN A 439 21.18 -16.80 -17.62
N PHE A 440 20.29 -16.97 -16.64
CA PHE A 440 20.67 -16.92 -15.24
C PHE A 440 20.52 -18.24 -14.56
N VAL A 441 21.35 -18.48 -13.53
CA VAL A 441 21.19 -19.71 -12.72
C VAL A 441 21.57 -19.40 -11.31
N THR A 442 20.82 -19.94 -10.33
CA THR A 442 21.16 -19.82 -8.92
C THR A 442 21.81 -21.12 -8.49
N LEU A 443 23.07 -21.05 -8.03
CA LEU A 443 23.77 -22.25 -7.57
C LEU A 443 23.56 -22.40 -6.08
N GLU A 444 23.16 -23.58 -5.67
CA GLU A 444 22.85 -23.91 -4.29
C GLU A 444 24.00 -24.68 -3.64
N GLU A 445 23.93 -24.87 -2.31
CA GLU A 445 24.88 -25.67 -1.51
C GLU A 445 26.35 -25.26 -1.67
N GLY A 446 26.60 -23.96 -1.89
CA GLY A 446 27.93 -23.41 -2.05
C GLY A 446 28.63 -23.86 -3.31
N LYS A 447 27.88 -24.44 -4.30
CA LYS A 447 28.45 -24.95 -5.56
C LYS A 447 29.07 -23.84 -6.44
N GLY A 448 28.78 -22.58 -6.13
CA GLY A 448 29.38 -21.41 -6.79
C GLY A 448 30.89 -21.36 -6.55
N ASP A 449 31.35 -21.97 -5.42
CA ASP A 449 32.77 -22.07 -5.02
C ASP A 449 33.63 -22.82 -6.06
N LEU A 450 33.00 -23.73 -6.82
CA LEU A 450 33.64 -24.41 -7.95
C LEU A 450 33.63 -23.33 -9.06
N GLU A 451 34.74 -23.11 -9.76
CA GLU A 451 34.75 -22.04 -10.77
C GLU A 451 34.14 -22.49 -12.11
N GLU A 452 33.01 -23.25 -12.07
CA GLU A 452 32.33 -23.81 -13.26
C GLU A 452 31.57 -22.77 -14.04
N TYR A 453 31.05 -21.77 -13.35
CA TYR A 453 30.35 -20.67 -13.99
C TYR A 453 31.23 -19.42 -13.82
N GLY A 454 30.77 -18.29 -14.32
CA GLY A 454 31.52 -17.04 -14.22
C GLY A 454 31.49 -16.49 -12.81
N GLN A 455 31.72 -15.19 -12.69
CA GLN A 455 31.71 -14.51 -11.41
C GLN A 455 30.27 -14.46 -10.85
N ASP A 456 30.14 -14.49 -9.52
CA ASP A 456 28.86 -14.35 -8.83
C ASP A 456 28.33 -12.92 -9.13
N LEU A 457 27.06 -12.79 -9.58
CA LEU A 457 26.45 -11.50 -9.92
C LEU A 457 25.98 -10.69 -8.69
N LEU A 458 26.02 -11.29 -7.50
CA LEU A 458 25.66 -10.60 -6.28
C LEU A 458 26.88 -9.87 -5.81
N HIS A 459 26.73 -8.60 -5.44
CA HIS A 459 27.81 -7.76 -4.92
C HIS A 459 27.48 -7.34 -3.50
N THR A 460 28.51 -7.12 -2.64
CA THR A 460 28.25 -6.64 -1.28
C THR A 460 27.76 -5.18 -1.39
N VAL A 461 26.55 -4.93 -0.90
CA VAL A 461 25.94 -3.60 -0.95
C VAL A 461 25.86 -2.99 0.45
N PHE A 462 25.96 -3.84 1.49
CA PHE A 462 25.91 -3.39 2.86
C PHE A 462 26.84 -4.28 3.69
N LYS A 463 27.63 -3.67 4.56
CA LYS A 463 28.49 -4.40 5.48
C LYS A 463 28.79 -3.59 6.72
N ASN A 464 28.42 -4.14 7.91
CA ASN A 464 28.72 -3.56 9.22
C ASN A 464 28.35 -2.07 9.35
N GLY A 465 27.11 -1.76 8.95
CA GLY A 465 26.52 -0.43 9.06
C GLY A 465 26.82 0.54 7.94
N LYS A 466 27.49 0.10 6.89
CA LYS A 466 27.83 0.97 5.77
C LYS A 466 27.32 0.45 4.45
N VAL A 467 26.86 1.35 3.60
CA VAL A 467 26.45 1.02 2.25
C VAL A 467 27.77 1.01 1.48
N THR A 468 28.11 -0.15 0.88
CA THR A 468 29.41 -0.38 0.24
C THR A 468 29.41 -0.26 -1.28
N LYS A 469 28.21 -0.27 -1.86
CA LYS A 469 28.03 -0.16 -3.30
C LYS A 469 26.65 0.44 -3.54
N SER A 470 26.58 1.46 -4.40
CA SER A 470 25.35 2.17 -4.74
C SER A 470 25.24 2.38 -6.27
N TYR A 471 24.00 2.62 -6.72
CA TYR A 471 23.72 2.84 -8.13
C TYR A 471 22.98 4.13 -8.31
N SER A 472 23.26 4.82 -9.42
CA SER A 472 22.51 6.03 -9.73
C SER A 472 21.20 5.59 -10.36
N PHE A 473 20.19 6.49 -10.37
CA PHE A 473 18.92 6.17 -11.03
C PHE A 473 19.13 5.99 -12.56
N ASP A 474 20.15 6.66 -13.11
CA ASP A 474 20.52 6.55 -14.52
C ASP A 474 21.03 5.13 -14.85
N GLU A 475 21.84 4.55 -13.94
CA GLU A 475 22.37 3.18 -14.07
C GLU A 475 21.23 2.18 -14.01
N ILE A 476 20.28 2.41 -13.08
CA ILE A 476 19.10 1.55 -12.87
C ILE A 476 18.23 1.50 -14.13
N ARG A 477 17.93 2.68 -14.75
CA ARG A 477 17.14 2.78 -15.97
C ARG A 477 17.79 2.03 -17.15
N LYS A 478 19.12 2.19 -17.31
CA LYS A 478 19.85 1.46 -18.37
C LYS A 478 19.71 -0.05 -18.15
N ASN A 479 19.89 -0.51 -16.90
CA ASN A 479 19.81 -1.93 -16.59
C ASN A 479 18.41 -2.48 -16.87
N ALA A 480 17.38 -1.64 -16.68
CA ALA A 480 15.98 -2.07 -16.84
C ALA A 480 15.41 -1.90 -18.25
N GLN A 481 16.22 -1.43 -19.20
CA GLN A 481 15.83 -1.25 -20.60
C GLN A 481 15.17 -2.46 -21.24
N LEU A 482 14.23 -2.23 -22.14
CA LEU A 482 13.62 -3.36 -22.86
C LEU A 482 14.57 -3.72 -24.01
N ASN A 483 14.52 -4.99 -24.48
CA ASN A 483 15.28 -5.47 -25.65
C ASN A 483 14.88 -4.70 -26.96
N ILE A 484 13.55 -4.51 -27.22
CA ILE A 484 13.04 -3.81 -28.43
C ILE A 484 13.95 -2.64 -28.89
N PHE B 9 9.20 16.92 5.32
CA PHE B 9 7.97 16.97 4.53
C PHE B 9 7.66 18.37 4.04
N ASN B 10 7.29 18.48 2.76
CA ASN B 10 6.93 19.75 2.17
C ASN B 10 5.56 19.64 1.50
N ILE B 11 4.50 20.21 2.10
CA ILE B 11 3.12 20.17 1.60
C ILE B 11 2.97 20.76 0.17
N LEU B 12 3.89 21.65 -0.23
CA LEU B 12 3.90 22.22 -1.57
C LEU B 12 4.31 21.17 -2.60
N LEU B 13 4.98 20.09 -2.13
CA LEU B 13 5.40 18.97 -2.97
C LEU B 13 4.61 17.70 -2.63
N ALA B 14 3.49 17.85 -1.89
CA ALA B 14 2.66 16.71 -1.48
C ALA B 14 1.28 16.71 -2.13
N THR B 15 1.25 16.99 -3.43
CA THR B 15 0.02 17.02 -4.22
C THR B 15 0.24 16.38 -5.60
N ASP B 16 -0.85 16.08 -6.31
CA ASP B 16 -0.70 15.61 -7.70
C ASP B 16 -0.20 16.82 -8.48
N SER B 17 0.73 16.61 -9.40
CA SER B 17 1.30 17.70 -10.23
C SER B 17 0.27 18.62 -10.83
N TYR B 18 -0.76 18.09 -11.46
CA TYR B 18 -1.72 18.93 -12.14
C TYR B 18 -2.41 19.94 -11.19
N LYS B 19 -2.46 19.66 -9.87
CA LYS B 19 -3.07 20.60 -8.91
C LYS B 19 -2.28 21.91 -8.79
N VAL B 20 -0.98 21.88 -9.15
CA VAL B 20 -0.09 23.05 -9.18
C VAL B 20 -0.65 24.07 -10.20
N THR B 21 -1.32 23.60 -11.24
CA THR B 21 -1.84 24.44 -12.33
C THR B 21 -3.31 24.86 -12.20
N HIS B 22 -4.04 24.35 -11.19
CA HIS B 22 -5.48 24.62 -11.05
C HIS B 22 -5.85 26.04 -10.64
N TYR B 23 -4.99 26.81 -9.95
CA TYR B 23 -5.30 28.19 -9.57
C TYR B 23 -5.61 29.09 -10.78
N LYS B 24 -5.07 28.71 -11.97
CA LYS B 24 -5.28 29.42 -13.22
C LYS B 24 -6.49 28.88 -14.01
N GLN B 25 -7.20 27.88 -13.48
CA GLN B 25 -8.33 27.21 -14.19
C GLN B 25 -9.73 27.48 -13.64
N TYR B 26 -9.82 27.79 -12.34
CA TYR B 26 -11.10 28.11 -11.68
C TYR B 26 -11.66 29.40 -12.28
N PRO B 27 -12.99 29.64 -12.19
CA PRO B 27 -13.51 30.91 -12.74
C PRO B 27 -12.88 32.13 -12.08
N PRO B 28 -12.59 33.22 -12.82
CA PRO B 28 -12.07 34.43 -12.16
C PRO B 28 -13.05 34.91 -11.09
N ASN B 29 -12.57 35.56 -10.03
CA ASN B 29 -13.39 36.09 -8.92
C ASN B 29 -14.05 34.99 -8.08
N THR B 30 -13.39 33.82 -7.98
CA THR B 30 -13.83 32.72 -7.13
C THR B 30 -13.22 32.96 -5.76
N SER B 31 -14.05 33.04 -4.73
CA SER B 31 -13.64 33.33 -3.36
C SER B 31 -13.77 32.11 -2.41
N LYS B 32 -14.54 31.10 -2.81
CA LYS B 32 -14.77 29.92 -2.00
C LYS B 32 -14.84 28.70 -2.88
N VAL B 33 -14.13 27.62 -2.49
CA VAL B 33 -14.17 26.30 -3.10
C VAL B 33 -14.42 25.37 -1.90
N TYR B 34 -15.55 24.67 -1.93
CA TYR B 34 -16.01 23.78 -0.88
C TYR B 34 -16.11 22.38 -1.46
N SER B 35 -15.43 21.43 -0.81
CA SER B 35 -15.39 20.06 -1.27
C SER B 35 -15.72 19.08 -0.17
N TYR B 36 -16.11 17.87 -0.56
CA TYR B 36 -16.47 16.86 0.44
C TYR B 36 -15.93 15.49 0.08
N PHE B 37 -15.87 14.60 1.07
CA PHE B 37 -15.45 13.21 0.93
C PHE B 37 -16.57 12.24 1.28
N GLU B 38 -16.77 11.23 0.42
CA GLU B 38 -17.73 10.15 0.71
C GLU B 38 -17.19 8.80 0.23
N CYS B 39 -17.79 7.68 0.68
CA CYS B 39 -17.52 6.32 0.22
C CYS B 39 -18.78 6.03 -0.60
N ARG B 40 -18.73 6.43 -1.89
CA ARG B 40 -19.85 6.40 -2.83
C ARG B 40 -20.55 5.07 -2.89
N GLU B 41 -21.90 5.13 -3.10
CA GLU B 41 -22.89 4.06 -3.33
C GLU B 41 -23.67 3.70 -2.09
N TYR B 54 -20.06 -4.33 1.62
CA TYR B 54 -19.56 -3.24 2.44
C TYR B 54 -20.57 -2.08 2.49
N GLU B 55 -21.67 -2.30 3.20
CA GLU B 55 -22.77 -1.32 3.25
C GLU B 55 -22.50 -0.11 4.15
N GLU B 56 -21.59 -0.25 5.11
CA GLU B 56 -21.27 0.79 6.08
C GLU B 56 -19.77 0.83 6.30
N THR B 57 -19.24 2.02 6.59
CA THR B 57 -17.80 2.19 6.73
C THR B 57 -17.44 2.78 8.05
N VAL B 58 -16.30 2.39 8.60
CA VAL B 58 -15.74 2.92 9.85
C VAL B 58 -14.92 4.17 9.44
N PHE B 59 -15.29 5.35 9.94
CA PHE B 59 -14.54 6.57 9.64
C PHE B 59 -13.33 6.62 10.56
N TYR B 60 -12.13 6.43 10.01
CA TYR B 60 -10.93 6.43 10.84
C TYR B 60 -9.72 6.88 10.08
N GLY B 61 -8.87 7.67 10.72
CA GLY B 61 -7.58 8.03 10.15
C GLY B 61 -7.27 9.47 9.84
N LEU B 62 -8.32 10.31 9.76
CA LEU B 62 -8.16 11.73 9.44
C LEU B 62 -7.32 12.46 10.48
N GLN B 63 -7.53 12.19 11.77
CA GLN B 63 -6.76 12.85 12.87
C GLN B 63 -5.23 12.66 12.70
N TYR B 64 -4.81 11.48 12.19
CA TYR B 64 -3.40 11.19 11.89
C TYR B 64 -2.87 12.18 10.85
N ILE B 65 -3.62 12.33 9.74
CA ILE B 65 -3.24 13.22 8.63
C ILE B 65 -3.21 14.68 9.08
N LEU B 66 -4.25 15.12 9.85
CA LEU B 66 -4.34 16.51 10.34
C LEU B 66 -3.11 16.90 11.16
N ASN B 67 -2.70 16.01 12.07
CA ASN B 67 -1.56 16.27 12.95
C ASN B 67 -0.21 16.14 12.28
N LYS B 68 0.00 15.05 11.51
CA LYS B 68 1.27 14.82 10.87
C LYS B 68 1.60 15.76 9.75
N TYR B 69 0.59 16.14 8.95
CA TYR B 69 0.83 16.89 7.72
C TYR B 69 0.19 18.26 7.57
N LEU B 70 -0.98 18.49 8.20
CA LEU B 70 -1.67 19.74 7.91
C LEU B 70 -1.55 20.85 8.93
N LYS B 71 -1.34 20.52 10.22
CA LYS B 71 -1.34 21.53 11.27
C LYS B 71 -0.05 22.32 11.40
N GLY B 72 -0.16 23.48 12.05
CA GLY B 72 0.95 24.36 12.34
C GLY B 72 1.51 25.07 11.13
N LYS B 73 2.78 25.49 11.25
CA LYS B 73 3.47 26.21 10.18
C LYS B 73 3.98 25.19 9.18
N VAL B 74 3.25 25.06 8.07
CA VAL B 74 3.57 24.11 7.00
C VAL B 74 4.22 24.78 5.79
N VAL B 75 4.26 26.12 5.80
CA VAL B 75 4.85 26.91 4.70
C VAL B 75 6.02 27.70 5.29
N THR B 76 7.17 27.65 4.62
CA THR B 76 8.38 28.44 4.96
C THR B 76 8.92 29.05 3.65
N LYS B 77 9.81 30.05 3.72
CA LYS B 77 10.41 30.62 2.49
C LYS B 77 11.23 29.54 1.73
N GLU B 78 11.90 28.64 2.49
CA GLU B 78 12.71 27.54 1.94
C GLU B 78 11.85 26.53 1.17
N LYS B 79 10.66 26.20 1.71
CA LYS B 79 9.73 25.25 1.09
C LYS B 79 9.17 25.80 -0.21
N ILE B 80 8.87 27.12 -0.25
CA ILE B 80 8.38 27.79 -1.46
C ILE B 80 9.45 27.73 -2.55
N GLN B 81 10.71 28.07 -2.18
CA GLN B 81 11.85 28.05 -3.10
C GLN B 81 12.14 26.64 -3.64
N GLU B 82 12.08 25.62 -2.75
CA GLU B 82 12.29 24.21 -3.12
C GLU B 82 11.19 23.81 -4.13
N ALA B 83 9.91 24.09 -3.84
CA ALA B 83 8.79 23.76 -4.76
C ALA B 83 8.96 24.48 -6.11
N LYS B 84 9.25 25.79 -6.08
CA LYS B 84 9.45 26.59 -7.30
C LYS B 84 10.51 25.97 -8.22
N ASP B 85 11.66 25.53 -7.65
CA ASP B 85 12.77 24.93 -8.40
C ASP B 85 12.42 23.57 -8.97
N VAL B 86 11.70 22.74 -8.18
CA VAL B 86 11.27 21.40 -8.62
C VAL B 86 10.26 21.52 -9.78
N TYR B 87 9.20 22.31 -9.59
CA TYR B 87 8.15 22.47 -10.61
C TYR B 87 8.63 23.13 -11.90
N LYS B 88 9.60 24.03 -11.82
CA LYS B 88 10.16 24.68 -13.01
C LYS B 88 10.77 23.61 -13.94
N GLU B 89 11.44 22.60 -13.36
CA GLU B 89 12.05 21.49 -14.09
C GLU B 89 11.02 20.42 -14.47
N HIS B 90 10.11 20.09 -13.54
CA HIS B 90 9.05 19.07 -13.73
C HIS B 90 8.09 19.47 -14.85
N PHE B 91 7.72 20.77 -14.94
CA PHE B 91 6.81 21.23 -16.01
C PHE B 91 7.52 21.82 -17.21
N GLN B 92 8.83 22.12 -17.08
CA GLN B 92 9.66 22.79 -18.10
C GLN B 92 9.04 24.17 -18.39
N ASP B 93 8.48 24.78 -17.34
CA ASP B 93 7.78 26.06 -17.37
C ASP B 93 7.50 26.55 -15.96
N ASP B 94 7.13 27.83 -15.85
CA ASP B 94 6.79 28.53 -14.62
C ASP B 94 5.26 28.61 -14.51
N VAL B 95 4.69 27.68 -13.75
CA VAL B 95 3.27 27.57 -13.56
C VAL B 95 2.93 27.56 -12.07
N PHE B 96 3.96 27.47 -11.23
CA PHE B 96 3.81 27.42 -9.80
C PHE B 96 3.29 28.74 -9.20
N ASN B 97 2.26 28.64 -8.31
CA ASN B 97 1.67 29.80 -7.62
C ASN B 97 2.53 30.28 -6.45
N GLU B 98 3.71 30.87 -6.75
CA GLU B 98 4.59 31.41 -5.72
C GLU B 98 3.88 32.51 -4.91
N LYS B 99 3.16 33.45 -5.59
CA LYS B 99 2.40 34.54 -4.97
C LYS B 99 1.39 34.02 -3.93
N GLY B 100 0.60 33.02 -4.31
CA GLY B 100 -0.41 32.40 -3.44
C GLY B 100 0.15 31.77 -2.19
N TRP B 101 1.25 31.01 -2.33
CA TRP B 101 1.93 30.37 -1.18
C TRP B 101 2.62 31.40 -0.28
N ASN B 102 3.26 32.42 -0.89
CA ASN B 102 3.89 33.52 -0.14
C ASN B 102 2.86 34.30 0.70
N TYR B 103 1.62 34.46 0.17
CA TYR B 103 0.50 35.10 0.87
C TYR B 103 0.17 34.37 2.19
N ILE B 104 0.04 33.03 2.16
CA ILE B 104 -0.23 32.20 3.36
C ILE B 104 0.92 32.37 4.38
N LEU B 105 2.16 32.37 3.90
CA LEU B 105 3.33 32.56 4.76
C LEU B 105 3.28 33.93 5.48
N GLU B 106 3.08 35.01 4.71
CA GLU B 106 3.03 36.39 5.24
C GLU B 106 1.83 36.69 6.14
N LYS B 107 0.61 36.32 5.71
CA LYS B 107 -0.61 36.62 6.43
C LYS B 107 -0.89 35.71 7.61
N TYR B 108 -0.58 34.40 7.46
CA TYR B 108 -0.93 33.42 8.48
C TYR B 108 0.23 32.68 9.12
N ASP B 109 1.48 33.17 8.91
CA ASP B 109 2.70 32.55 9.43
C ASP B 109 2.78 31.04 9.01
N GLY B 110 2.41 30.79 7.75
CA GLY B 110 2.44 29.48 7.13
C GLY B 110 1.39 28.49 7.58
N HIS B 111 0.38 28.98 8.35
CA HIS B 111 -0.76 28.17 8.81
C HIS B 111 -1.84 28.15 7.71
N LEU B 112 -2.40 26.95 7.40
CA LEU B 112 -3.39 26.80 6.34
C LEU B 112 -4.75 27.41 6.65
N PRO B 113 -5.20 28.40 5.84
CA PRO B 113 -6.55 28.97 6.07
C PRO B 113 -7.64 28.07 5.46
N ILE B 114 -7.83 26.91 6.08
CA ILE B 114 -8.77 25.86 5.68
C ILE B 114 -9.63 25.52 6.91
N GLU B 115 -10.91 25.13 6.67
CA GLU B 115 -11.76 24.60 7.72
C GLU B 115 -12.23 23.24 7.27
N ILE B 116 -11.99 22.21 8.12
CA ILE B 116 -12.40 20.83 7.86
C ILE B 116 -13.42 20.41 8.92
N LYS B 117 -14.61 19.93 8.49
CA LYS B 117 -15.63 19.38 9.38
C LYS B 117 -15.72 17.91 9.08
N ALA B 118 -15.79 17.06 10.13
CA ALA B 118 -15.81 15.61 9.94
C ALA B 118 -16.75 14.92 10.90
N VAL B 119 -17.19 13.70 10.51
CA VAL B 119 -18.03 12.87 11.38
C VAL B 119 -17.05 12.34 12.49
N PRO B 120 -17.46 12.09 13.74
CA PRO B 120 -16.48 11.63 14.74
C PRO B 120 -15.78 10.32 14.33
N GLU B 121 -14.50 10.18 14.67
CA GLU B 121 -13.75 8.97 14.31
C GLU B 121 -14.28 7.74 15.05
N GLY B 122 -14.35 6.61 14.33
CA GLY B 122 -14.90 5.37 14.87
C GLY B 122 -16.34 5.20 14.44
N PHE B 123 -17.00 6.32 14.02
CA PHE B 123 -18.38 6.27 13.56
C PHE B 123 -18.55 5.33 12.38
N VAL B 124 -19.61 4.52 12.46
CA VAL B 124 -19.97 3.54 11.43
C VAL B 124 -21.12 4.15 10.63
N ILE B 125 -20.85 4.54 9.36
CA ILE B 125 -21.76 5.28 8.49
C ILE B 125 -22.07 4.52 7.21
N PRO B 126 -23.36 4.47 6.80
CA PRO B 126 -23.68 3.81 5.52
C PRO B 126 -23.05 4.53 4.34
N ARG B 127 -22.80 3.78 3.27
CA ARG B 127 -22.21 4.32 2.04
C ARG B 127 -23.04 5.46 1.50
N GLY B 128 -22.35 6.40 0.85
CA GLY B 128 -22.95 7.52 0.15
C GLY B 128 -23.33 8.71 1.01
N ASN B 129 -22.69 8.85 2.15
CA ASN B 129 -22.90 9.95 3.06
C ASN B 129 -21.64 10.79 3.19
N VAL B 130 -21.81 12.10 3.39
CA VAL B 130 -20.70 13.00 3.64
C VAL B 130 -20.01 12.55 4.93
N LEU B 131 -18.68 12.37 4.84
CA LEU B 131 -17.85 11.97 5.97
C LEU B 131 -17.04 13.18 6.48
N PHE B 132 -16.59 14.05 5.54
CA PHE B 132 -15.89 15.28 5.89
C PHE B 132 -15.98 16.29 4.78
N THR B 133 -15.88 17.57 5.11
CA THR B 133 -15.93 18.67 4.15
C THR B 133 -14.71 19.54 4.36
N VAL B 134 -14.25 20.22 3.30
CA VAL B 134 -13.08 21.09 3.34
C VAL B 134 -13.43 22.39 2.61
N GLU B 135 -13.01 23.55 3.16
CA GLU B 135 -13.23 24.84 2.48
C GLU B 135 -12.19 25.83 2.95
N ASN B 136 -11.86 26.78 2.10
CA ASN B 136 -10.92 27.85 2.42
C ASN B 136 -11.64 28.92 3.29
N THR B 137 -10.89 29.52 4.26
CA THR B 137 -11.44 30.55 5.15
C THR B 137 -11.06 31.97 4.70
N ASP B 138 -10.20 32.08 3.70
CA ASP B 138 -9.76 33.33 3.12
C ASP B 138 -10.05 33.28 1.62
N PRO B 139 -10.79 34.28 1.06
CA PRO B 139 -11.09 34.28 -0.38
C PRO B 139 -9.88 34.16 -1.30
N GLU B 140 -8.73 34.65 -0.85
CA GLU B 140 -7.49 34.59 -1.63
C GLU B 140 -6.97 33.13 -1.81
N CYS B 141 -7.39 32.24 -0.92
CA CYS B 141 -6.93 30.85 -0.91
C CYS B 141 -7.96 29.87 -1.42
N TYR B 142 -8.81 30.29 -2.37
CA TYR B 142 -9.83 29.46 -3.04
C TYR B 142 -9.21 28.17 -3.66
N TRP B 143 -7.95 28.26 -4.12
CA TRP B 143 -7.20 27.17 -4.76
C TRP B 143 -6.68 26.13 -3.74
N LEU B 144 -6.66 26.49 -2.43
CA LEU B 144 -6.08 25.61 -1.41
C LEU B 144 -6.94 24.40 -1.11
N THR B 145 -8.28 24.56 -1.16
CA THR B 145 -9.20 23.47 -0.87
C THR B 145 -8.84 22.16 -1.57
N ASN B 146 -8.70 22.20 -2.90
CA ASN B 146 -8.40 20.97 -3.64
C ASN B 146 -6.91 20.70 -3.78
N TRP B 147 -6.03 21.63 -3.38
CA TRP B 147 -4.59 21.36 -3.35
C TRP B 147 -4.35 20.15 -2.40
N ILE B 148 -5.05 20.14 -1.24
CA ILE B 148 -4.92 19.13 -0.19
C ILE B 148 -5.86 17.92 -0.39
N GLU B 149 -6.50 17.80 -1.56
CA GLU B 149 -7.32 16.60 -1.84
C GLU B 149 -6.43 15.34 -1.80
N THR B 150 -5.26 15.36 -2.46
CA THR B 150 -4.41 14.15 -2.58
C THR B 150 -4.06 13.58 -1.18
N ILE B 151 -3.60 14.47 -0.28
CA ILE B 151 -3.27 14.09 1.09
C ILE B 151 -4.51 13.60 1.86
N LEU B 152 -5.66 14.25 1.68
CA LEU B 152 -6.84 13.85 2.47
C LEU B 152 -7.49 12.61 1.95
N VAL B 153 -7.46 12.39 0.62
CA VAL B 153 -8.06 11.21 0.01
C VAL B 153 -7.35 9.94 0.46
N GLN B 154 -6.09 10.05 0.90
CA GLN B 154 -5.33 8.90 1.44
C GLN B 154 -5.95 8.33 2.72
N SER B 155 -6.95 9.04 3.27
CA SER B 155 -7.71 8.53 4.41
C SER B 155 -8.54 7.31 3.95
N TRP B 156 -8.67 7.12 2.62
CA TRP B 156 -9.36 5.91 2.13
C TRP B 156 -8.74 4.63 2.76
N TYR B 157 -7.42 4.65 2.96
CA TYR B 157 -6.67 3.49 3.40
C TYR B 157 -7.00 3.10 4.83
N PRO B 158 -6.83 3.95 5.86
CA PRO B 158 -7.31 3.54 7.22
C PRO B 158 -8.82 3.28 7.28
N ILE B 159 -9.66 3.99 6.50
CA ILE B 159 -11.10 3.71 6.48
C ILE B 159 -11.35 2.26 5.98
N THR B 160 -10.72 1.90 4.86
CA THR B 160 -10.89 0.61 4.22
C THR B 160 -10.34 -0.54 5.10
N VAL B 161 -9.16 -0.37 5.70
CA VAL B 161 -8.61 -1.43 6.57
C VAL B 161 -9.58 -1.59 7.75
N ALA B 162 -9.97 -0.48 8.42
CA ALA B 162 -10.87 -0.57 9.58
C ALA B 162 -12.23 -1.24 9.23
N THR B 163 -12.80 -0.87 8.09
CA THR B 163 -14.07 -1.39 7.62
C THR B 163 -13.97 -2.89 7.32
N ASN B 164 -12.94 -3.25 6.52
CA ASN B 164 -12.74 -4.65 6.16
C ASN B 164 -12.42 -5.54 7.38
N SER B 165 -11.67 -5.01 8.36
CA SER B 165 -11.35 -5.73 9.58
C SER B 165 -12.64 -5.92 10.41
N ARG B 166 -13.48 -4.87 10.49
CA ARG B 166 -14.74 -4.94 11.26
C ARG B 166 -15.71 -5.95 10.61
N GLU B 167 -15.70 -6.02 9.25
CA GLU B 167 -16.58 -6.99 8.56
C GLU B 167 -16.11 -8.41 8.92
N GLN B 168 -14.81 -8.62 9.09
CA GLN B 168 -14.31 -9.95 9.51
C GLN B 168 -14.70 -10.26 10.95
N LYS B 169 -14.67 -9.26 11.81
CA LYS B 169 -15.12 -9.42 13.19
C LYS B 169 -16.60 -9.83 13.24
N LYS B 170 -17.47 -9.28 12.34
CA LYS B 170 -18.90 -9.66 12.26
C LYS B 170 -19.04 -11.15 11.99
N ILE B 171 -18.24 -11.68 11.03
CA ILE B 171 -18.24 -13.10 10.66
C ILE B 171 -17.78 -13.93 11.86
N LEU B 172 -16.66 -13.55 12.47
CA LEU B 172 -16.11 -14.26 13.63
C LEU B 172 -17.09 -14.25 14.80
N ALA B 173 -17.72 -13.08 15.08
CA ALA B 173 -18.67 -12.94 16.18
C ALA B 173 -19.88 -13.87 15.97
N LYS B 174 -20.42 -13.90 14.76
CA LYS B 174 -21.55 -14.74 14.41
C LYS B 174 -21.29 -16.24 14.66
N TYR B 175 -20.17 -16.76 14.12
CA TYR B 175 -19.82 -18.17 14.25
C TYR B 175 -19.34 -18.53 15.66
N LEU B 176 -18.63 -17.62 16.36
CA LEU B 176 -18.20 -17.89 17.72
C LEU B 176 -19.46 -17.98 18.63
N LEU B 177 -20.44 -17.05 18.45
CA LEU B 177 -21.69 -17.04 19.24
C LEU B 177 -22.44 -18.34 19.00
N GLU B 178 -22.64 -18.69 17.74
CA GLU B 178 -23.37 -19.89 17.35
C GLU B 178 -22.72 -21.20 17.85
N THR B 179 -21.41 -21.28 17.77
CA THR B 179 -20.74 -22.53 18.18
C THR B 179 -20.33 -22.63 19.66
N SER B 180 -20.27 -21.50 20.41
CA SER B 180 -19.83 -21.49 21.81
C SER B 180 -20.82 -20.88 22.84
N GLY B 181 -21.78 -20.07 22.35
CA GLY B 181 -22.75 -19.39 23.19
C GLY B 181 -22.30 -18.02 23.69
N ASN B 182 -21.03 -17.65 23.43
CA ASN B 182 -20.53 -16.34 23.85
C ASN B 182 -19.52 -15.74 22.87
N LEU B 183 -18.96 -14.56 23.20
CA LEU B 183 -17.95 -13.87 22.36
C LEU B 183 -16.55 -13.80 23.05
N ASP B 184 -16.28 -14.62 24.09
CA ASP B 184 -15.00 -14.59 24.80
C ASP B 184 -13.79 -14.72 23.86
N GLY B 185 -12.82 -13.80 24.02
CA GLY B 185 -11.57 -13.79 23.25
C GLY B 185 -11.70 -13.46 21.78
N LEU B 186 -12.88 -12.98 21.37
CA LEU B 186 -13.20 -12.55 19.99
C LEU B 186 -12.16 -11.54 19.47
N GLU B 187 -11.72 -10.58 20.32
CA GLU B 187 -10.78 -9.54 19.86
C GLU B 187 -9.34 -10.02 19.63
N TYR B 188 -9.07 -11.31 19.89
CA TYR B 188 -7.75 -11.90 19.65
C TYR B 188 -7.84 -12.91 18.51
N LYS B 189 -9.04 -13.09 17.92
CA LYS B 189 -9.27 -14.13 16.89
C LYS B 189 -8.79 -13.78 15.48
N LEU B 190 -8.45 -12.50 15.22
CA LEU B 190 -7.91 -12.09 13.91
C LEU B 190 -6.66 -11.26 14.16
N HIS B 191 -5.50 -11.89 13.97
CA HIS B 191 -4.19 -11.32 14.27
C HIS B 191 -3.54 -10.76 13.00
N ASP B 192 -2.89 -9.64 13.15
CA ASP B 192 -2.26 -8.92 12.04
C ASP B 192 -0.86 -9.48 11.85
N PHE B 193 -0.67 -10.14 10.68
CA PHE B 193 0.59 -10.72 10.23
C PHE B 193 1.16 -9.91 9.04
N GLY B 194 0.60 -8.71 8.79
CA GLY B 194 0.86 -7.95 7.57
C GLY B 194 2.05 -7.02 7.42
N TYR B 195 2.94 -6.95 8.42
CA TYR B 195 4.06 -6.01 8.40
C TYR B 195 4.91 -6.14 7.13
N ARG B 196 5.37 -7.34 6.79
CA ARG B 196 6.24 -7.57 5.63
C ARG B 196 5.54 -7.38 4.28
N GLY B 197 4.22 -7.65 4.28
CA GLY B 197 3.37 -7.64 3.11
C GLY B 197 2.82 -6.30 2.68
N VAL B 198 3.06 -5.22 3.46
CA VAL B 198 2.60 -3.88 3.07
C VAL B 198 3.67 -3.13 2.22
N SER B 199 3.28 -2.01 1.65
CA SER B 199 4.14 -1.30 0.75
C SER B 199 5.23 -0.39 1.39
N SER B 200 5.11 -0.10 2.68
CA SER B 200 6.06 0.79 3.36
C SER B 200 5.91 0.72 4.86
N GLN B 201 6.88 1.35 5.57
CA GLN B 201 6.83 1.45 7.02
C GLN B 201 5.63 2.32 7.44
N GLU B 202 5.39 3.43 6.69
CA GLU B 202 4.30 4.32 7.04
C GLU B 202 2.95 3.62 6.92
N THR B 203 2.75 2.91 5.80
CA THR B 203 1.54 2.15 5.58
C THR B 203 1.36 1.09 6.73
N ALA B 204 2.46 0.39 7.11
CA ALA B 204 2.40 -0.59 8.17
C ALA B 204 1.75 0.03 9.43
N GLY B 205 2.26 1.19 9.90
CA GLY B 205 1.69 1.83 11.09
C GLY B 205 0.23 2.21 10.94
N ILE B 206 -0.14 2.83 9.80
CA ILE B 206 -1.52 3.29 9.55
C ILE B 206 -2.48 2.08 9.50
N GLY B 207 -2.11 1.09 8.69
CA GLY B 207 -2.91 -0.11 8.49
C GLY B 207 -3.06 -0.90 9.77
N ALA B 208 -1.95 -1.10 10.50
CA ALA B 208 -2.01 -1.87 11.75
C ALA B 208 -2.91 -1.13 12.74
N SER B 209 -2.83 0.22 12.78
CA SER B 209 -3.68 0.97 13.73
C SER B 209 -5.17 0.84 13.42
N ALA B 210 -5.52 0.80 12.11
CA ALA B 210 -6.90 0.67 11.66
C ALA B 210 -7.44 -0.72 12.04
N HIS B 211 -6.60 -1.79 11.93
CA HIS B 211 -7.03 -3.12 12.39
C HIS B 211 -7.31 -3.12 13.91
N LEU B 212 -6.52 -2.39 14.68
CA LEU B 212 -6.65 -2.29 16.15
C LEU B 212 -7.89 -1.54 16.62
N VAL B 213 -8.61 -0.87 15.69
CA VAL B 213 -9.90 -0.28 16.01
C VAL B 213 -10.87 -1.41 16.40
N ASN B 214 -10.72 -2.60 15.76
CA ASN B 214 -11.64 -3.72 15.99
C ASN B 214 -11.05 -4.88 16.84
N PHE B 215 -9.75 -5.13 16.73
CA PHE B 215 -9.08 -6.23 17.41
C PHE B 215 -7.96 -5.77 18.32
N LYS B 216 -7.41 -6.71 19.10
CA LYS B 216 -6.34 -6.38 20.03
C LYS B 216 -5.08 -7.19 19.79
N GLY B 217 -5.07 -8.00 18.73
CA GLY B 217 -3.92 -8.84 18.41
C GLY B 217 -3.18 -8.36 17.18
N THR B 218 -1.88 -8.08 17.34
CA THR B 218 -1.06 -7.59 16.23
C THR B 218 0.41 -7.98 16.37
N ASP B 219 1.05 -8.23 15.22
CA ASP B 219 2.48 -8.40 15.12
C ASP B 219 3.09 -7.18 14.42
N THR B 220 2.26 -6.28 13.90
CA THR B 220 2.76 -5.09 13.21
C THR B 220 2.99 -4.01 14.26
N VAL B 221 4.18 -4.09 14.90
CA VAL B 221 4.65 -3.22 16.00
C VAL B 221 4.47 -1.72 15.71
N ALA B 222 4.69 -1.31 14.44
CA ALA B 222 4.56 0.08 13.95
C ALA B 222 3.23 0.71 14.37
N GLY B 223 2.16 -0.09 14.41
CA GLY B 223 0.83 0.35 14.81
C GLY B 223 0.74 0.93 16.22
N LEU B 224 1.46 0.35 17.16
CA LEU B 224 1.49 0.76 18.57
C LEU B 224 1.93 2.22 18.76
N ALA B 225 3.07 2.61 18.18
CA ALA B 225 3.61 3.96 18.29
C ALA B 225 2.73 5.01 17.62
N LEU B 226 2.06 4.65 16.51
CA LEU B 226 1.15 5.57 15.82
C LEU B 226 -0.04 5.91 16.75
N ILE B 227 -0.65 4.88 17.34
CA ILE B 227 -1.80 5.06 18.24
C ILE B 227 -1.37 5.90 19.45
N LYS B 228 -0.22 5.58 20.06
CA LYS B 228 0.33 6.27 21.23
C LYS B 228 0.46 7.79 20.96
N LYS B 229 1.13 8.13 19.85
CA LYS B 229 1.44 9.49 19.43
C LYS B 229 0.22 10.33 18.97
N TYR B 230 -0.67 9.76 18.14
CA TYR B 230 -1.77 10.48 17.52
C TYR B 230 -3.15 10.30 18.13
N TYR B 231 -3.39 9.18 18.85
CA TYR B 231 -4.74 8.92 19.35
C TYR B 231 -4.79 8.74 20.87
N GLY B 232 -3.98 7.82 21.40
CA GLY B 232 -3.87 7.56 22.83
C GLY B 232 -4.84 6.53 23.38
N THR B 233 -4.35 5.69 24.31
CA THR B 233 -5.17 4.70 25.01
C THR B 233 -4.92 4.83 26.53
N LYS B 234 -5.93 4.46 27.35
CA LYS B 234 -5.84 4.38 28.81
C LYS B 234 -4.82 3.27 29.15
N ASP B 235 -4.92 2.14 28.43
CA ASP B 235 -3.98 1.01 28.59
C ASP B 235 -2.59 1.38 28.07
N PRO B 236 -1.50 0.79 28.63
CA PRO B 236 -0.15 1.12 28.13
C PRO B 236 0.01 0.87 26.63
N VAL B 237 -0.62 -0.22 26.10
CA VAL B 237 -0.59 -0.56 24.67
C VAL B 237 -1.96 -0.93 24.10
N PRO B 238 -2.21 -0.60 22.79
CA PRO B 238 -3.49 -0.98 22.19
C PRO B 238 -3.53 -2.42 21.66
N GLY B 239 -2.36 -3.05 21.51
CA GLY B 239 -2.27 -4.39 20.93
C GLY B 239 -1.27 -5.31 21.60
N TYR B 240 -1.52 -6.62 21.47
CA TYR B 240 -0.79 -7.66 22.14
C TYR B 240 -0.38 -8.84 21.25
N SER B 241 0.67 -9.53 21.66
CA SER B 241 1.11 -10.72 20.92
C SER B 241 1.71 -11.75 21.88
N VAL B 242 2.04 -12.90 21.33
CA VAL B 242 2.61 -14.02 22.07
C VAL B 242 3.86 -14.51 21.33
N PRO B 243 4.76 -15.28 22.00
CA PRO B 243 5.94 -15.81 21.31
C PRO B 243 5.47 -16.81 20.25
N ALA B 244 6.16 -16.82 19.11
CA ALA B 244 5.79 -17.68 18.00
C ALA B 244 7.03 -18.02 17.18
N ALA B 245 7.04 -19.23 16.57
CA ALA B 245 8.12 -19.69 15.69
C ALA B 245 7.87 -19.27 14.24
N GLU B 246 8.95 -19.26 13.45
CA GLU B 246 8.91 -19.03 12.02
C GLU B 246 9.66 -20.21 11.40
N HIS B 247 9.59 -20.38 10.06
CA HIS B 247 10.30 -21.50 9.45
C HIS B 247 11.78 -21.52 9.75
N SER B 248 12.44 -20.36 9.81
CA SER B 248 13.88 -20.31 10.10
C SER B 248 14.21 -20.88 11.47
N THR B 249 13.34 -20.67 12.46
CA THR B 249 13.60 -21.19 13.84
C THR B 249 13.31 -22.67 13.96
N ILE B 250 12.52 -23.22 13.04
CA ILE B 250 12.31 -24.67 13.00
C ILE B 250 13.40 -25.34 12.12
N THR B 251 13.50 -24.95 10.82
CA THR B 251 14.39 -25.53 9.82
C THR B 251 15.86 -25.41 10.17
N ALA B 252 16.28 -24.38 10.97
CA ALA B 252 17.69 -24.22 11.37
C ALA B 252 18.24 -25.45 12.13
N TRP B 253 17.35 -26.26 12.74
CA TRP B 253 17.75 -27.47 13.48
C TRP B 253 18.10 -28.64 12.58
N GLY B 254 17.74 -28.54 11.29
CA GLY B 254 17.95 -29.58 10.29
C GLY B 254 16.70 -30.39 10.11
N LYS B 255 16.49 -30.92 8.88
CA LYS B 255 15.27 -31.67 8.56
C LYS B 255 14.96 -32.87 9.51
N ASP B 256 15.99 -33.55 10.02
CA ASP B 256 15.81 -34.70 10.92
C ASP B 256 15.64 -34.34 12.39
N HIS B 257 15.70 -33.04 12.72
CA HIS B 257 15.58 -32.58 14.10
C HIS B 257 14.39 -31.63 14.35
N GLU B 258 13.28 -31.81 13.59
CA GLU B 258 12.07 -31.02 13.76
C GLU B 258 11.49 -31.19 15.18
N LYS B 259 11.50 -32.44 15.73
CA LYS B 259 11.05 -32.72 17.10
C LYS B 259 11.87 -31.89 18.11
N ASP B 260 13.22 -31.88 17.94
CA ASP B 260 14.14 -31.16 18.83
C ASP B 260 13.84 -29.67 18.85
N ALA B 261 13.56 -29.07 17.65
CA ALA B 261 13.19 -27.67 17.52
C ALA B 261 11.90 -27.43 18.34
N PHE B 262 10.85 -28.24 18.11
CA PHE B 262 9.56 -28.12 18.78
C PHE B 262 9.72 -28.23 20.30
N GLU B 263 10.49 -29.23 20.75
CA GLU B 263 10.70 -29.46 22.18
C GLU B 263 11.38 -28.25 22.86
N HIS B 264 12.42 -27.70 22.21
CA HIS B 264 13.18 -26.56 22.72
C HIS B 264 12.26 -25.35 22.83
N ILE B 265 11.46 -25.10 21.79
CA ILE B 265 10.59 -23.93 21.72
C ILE B 265 9.48 -23.97 22.79
N VAL B 266 8.74 -25.08 22.93
CA VAL B 266 7.67 -25.15 23.95
C VAL B 266 8.26 -25.15 25.39
N THR B 267 9.52 -25.59 25.57
CA THR B 267 10.19 -25.58 26.90
C THR B 267 10.64 -24.16 27.23
N GLN B 268 11.11 -23.41 26.22
CA GLN B 268 11.52 -22.01 26.42
C GLN B 268 10.35 -21.11 26.79
N PHE B 269 9.15 -21.40 26.25
CA PHE B 269 7.93 -20.62 26.49
C PHE B 269 6.89 -21.53 27.11
N SER B 270 7.21 -22.13 28.28
CA SER B 270 6.34 -23.09 28.96
C SER B 270 5.21 -22.46 29.78
N SER B 271 5.27 -21.15 30.06
CA SER B 271 4.28 -20.46 30.91
C SER B 271 3.45 -19.38 30.23
N VAL B 272 3.65 -19.19 28.93
CA VAL B 272 2.87 -18.26 28.12
C VAL B 272 2.34 -19.01 26.90
N PRO B 273 1.26 -18.55 26.23
CA PRO B 273 0.84 -19.24 24.98
C PRO B 273 2.00 -19.20 23.98
N VAL B 274 2.14 -20.25 23.19
CA VAL B 274 3.24 -20.30 22.21
C VAL B 274 2.69 -20.80 20.91
N SER B 275 2.97 -20.08 19.82
CA SER B 275 2.52 -20.51 18.50
C SER B 275 3.71 -21.19 17.80
N VAL B 276 3.47 -22.36 17.20
CA VAL B 276 4.58 -23.09 16.57
C VAL B 276 4.20 -23.54 15.17
N VAL B 277 4.89 -22.97 14.15
CA VAL B 277 4.65 -23.33 12.75
C VAL B 277 5.04 -24.81 12.58
N SER B 278 4.09 -25.61 12.06
CA SER B 278 4.31 -27.05 12.04
C SER B 278 4.31 -27.70 10.66
N ASP B 279 4.33 -26.87 9.60
CA ASP B 279 4.24 -27.38 8.23
C ASP B 279 5.56 -27.37 7.46
N SER B 280 6.74 -27.12 8.13
CA SER B 280 8.04 -27.08 7.42
C SER B 280 8.24 -28.22 6.44
N TYR B 281 7.85 -29.46 6.83
CA TYR B 281 8.03 -30.65 6.01
C TYR B 281 6.75 -31.41 5.82
N ASP B 282 6.02 -31.70 6.92
CA ASP B 282 4.75 -32.43 6.79
C ASP B 282 3.88 -32.09 7.99
N ILE B 283 2.94 -31.15 7.78
CA ILE B 283 2.00 -30.68 8.79
C ILE B 283 1.24 -31.81 9.49
N TYR B 284 0.76 -32.79 8.71
CA TYR B 284 -0.04 -33.91 9.19
C TYR B 284 0.78 -34.85 10.06
N ASN B 285 2.03 -35.11 9.66
CA ASN B 285 2.98 -35.90 10.45
C ASN B 285 3.33 -35.17 11.76
N ALA B 286 3.60 -33.84 11.68
CA ALA B 286 3.93 -33.04 12.86
C ALA B 286 2.78 -33.13 13.89
N CYS B 287 1.54 -32.99 13.42
CA CYS B 287 0.37 -33.08 14.31
C CYS B 287 0.18 -34.48 14.90
N GLU B 288 0.18 -35.49 14.04
CA GLU B 288 -0.10 -36.85 14.50
C GLU B 288 1.02 -37.52 15.28
N LYS B 289 2.24 -37.43 14.77
CA LYS B 289 3.37 -38.15 15.36
C LYS B 289 4.25 -37.34 16.31
N ILE B 290 4.56 -36.07 15.96
CA ILE B 290 5.44 -35.26 16.79
C ILE B 290 4.70 -34.70 17.97
N TRP B 291 3.66 -33.87 17.74
CA TRP B 291 2.85 -33.32 18.84
C TRP B 291 1.99 -34.40 19.47
N GLY B 292 1.38 -35.22 18.63
CA GLY B 292 0.40 -36.21 19.05
C GLY B 292 0.93 -37.42 19.79
N GLU B 293 2.24 -37.68 19.67
CA GLU B 293 2.86 -38.85 20.28
C GLU B 293 4.17 -38.52 20.97
N ASP B 294 5.22 -38.20 20.22
CA ASP B 294 6.57 -37.93 20.76
C ASP B 294 6.63 -36.85 21.82
N LEU B 295 5.95 -35.72 21.59
CA LEU B 295 6.00 -34.59 22.51
C LEU B 295 4.71 -34.36 23.27
N ARG B 296 3.71 -35.27 23.13
CA ARG B 296 2.39 -35.17 23.77
C ARG B 296 2.47 -34.89 25.29
N HIS B 297 3.47 -35.48 25.98
CA HIS B 297 3.70 -35.27 27.42
C HIS B 297 4.04 -33.82 27.80
N LEU B 298 4.66 -33.06 26.87
CA LEU B 298 5.02 -31.65 27.07
C LEU B 298 3.83 -30.71 26.79
N ILE B 299 2.80 -31.24 26.11
CA ILE B 299 1.64 -30.42 25.77
C ILE B 299 0.53 -30.55 26.81
N VAL B 300 0.21 -31.78 27.21
CA VAL B 300 -0.92 -32.04 28.13
C VAL B 300 -0.67 -31.50 29.55
N SER B 301 0.58 -31.14 29.84
CA SER B 301 1.03 -30.60 31.11
C SER B 301 0.96 -29.08 31.15
N ARG B 302 0.54 -28.43 30.03
CA ARG B 302 0.47 -26.96 29.92
C ARG B 302 -0.76 -26.35 30.55
N SER B 303 -0.57 -25.13 31.05
CA SER B 303 -1.62 -24.36 31.69
C SER B 303 -2.67 -23.89 30.67
N THR B 304 -3.88 -23.65 31.15
CA THR B 304 -4.99 -23.11 30.38
C THR B 304 -4.63 -21.70 29.86
N GLN B 305 -3.74 -20.99 30.59
CA GLN B 305 -3.28 -19.66 30.23
C GLN B 305 -2.08 -19.68 29.26
N ALA B 306 -1.54 -20.89 28.98
CA ALA B 306 -0.36 -21.09 28.16
C ALA B 306 -0.57 -22.21 27.13
N PRO B 307 -1.58 -22.16 26.25
CA PRO B 307 -1.73 -23.26 25.30
C PRO B 307 -0.63 -23.30 24.25
N LEU B 308 -0.46 -24.47 23.66
CA LEU B 308 0.33 -24.64 22.46
C LEU B 308 -0.67 -24.25 21.34
N ILE B 309 -0.23 -23.39 20.43
CA ILE B 309 -1.05 -23.01 19.30
C ILE B 309 -0.34 -23.57 18.06
N ILE B 310 -0.91 -24.63 17.45
CA ILE B 310 -0.29 -25.27 16.28
C ILE B 310 -0.59 -24.37 15.08
N ARG B 311 0.45 -24.10 14.26
CA ARG B 311 0.23 -23.24 13.12
C ARG B 311 0.49 -23.91 11.76
N PRO B 312 -0.56 -24.31 11.00
CA PRO B 312 -0.31 -24.72 9.61
C PRO B 312 -0.02 -23.46 8.79
N ASP B 313 0.69 -23.60 7.66
CA ASP B 313 1.02 -22.41 6.87
C ASP B 313 1.05 -22.67 5.36
N SER B 314 0.38 -23.72 4.90
CA SER B 314 0.40 -24.08 3.47
C SER B 314 -0.74 -25.02 3.17
N GLY B 315 -1.01 -25.20 1.87
CA GLY B 315 -2.06 -26.09 1.40
C GLY B 315 -3.37 -25.34 1.33
N ASN B 316 -4.47 -26.05 0.96
CA ASN B 316 -5.79 -25.42 0.88
C ASN B 316 -6.16 -24.98 2.31
N PRO B 317 -6.46 -23.68 2.58
CA PRO B 317 -6.68 -23.25 3.99
C PRO B 317 -7.79 -23.99 4.73
N LEU B 318 -8.94 -24.24 4.08
CA LEU B 318 -10.05 -24.98 4.71
C LEU B 318 -9.71 -26.48 4.90
N ASP B 319 -9.23 -27.14 3.84
CA ASP B 319 -8.91 -28.57 3.91
C ASP B 319 -7.87 -28.85 4.97
N THR B 320 -6.87 -27.96 5.07
CA THR B 320 -5.78 -28.11 6.04
C THR B 320 -6.30 -27.98 7.46
N VAL B 321 -7.09 -26.93 7.74
CA VAL B 321 -7.67 -26.70 9.07
C VAL B 321 -8.48 -27.91 9.53
N LEU B 322 -9.37 -28.42 8.67
CA LEU B 322 -10.23 -29.56 8.99
C LEU B 322 -9.45 -30.84 9.26
N LYS B 323 -8.43 -31.10 8.43
CA LYS B 323 -7.60 -32.29 8.60
C LYS B 323 -6.76 -32.20 9.87
N VAL B 324 -6.15 -31.03 10.16
CA VAL B 324 -5.38 -30.80 11.38
C VAL B 324 -6.31 -31.04 12.62
N LEU B 325 -7.53 -30.48 12.61
CA LEU B 325 -8.47 -30.68 13.72
C LEU B 325 -8.87 -32.17 13.90
N GLU B 326 -9.10 -32.90 12.77
CA GLU B 326 -9.46 -34.32 12.84
C GLU B 326 -8.29 -35.13 13.44
N ILE B 327 -7.04 -34.81 13.07
CA ILE B 327 -5.84 -35.46 13.62
C ILE B 327 -5.74 -35.18 15.12
N LEU B 328 -5.85 -33.90 15.50
CA LEU B 328 -5.73 -33.52 16.91
C LEU B 328 -6.82 -34.12 17.77
N GLY B 329 -8.04 -34.20 17.23
CA GLY B 329 -9.21 -34.76 17.88
C GLY B 329 -9.03 -36.22 18.25
N LYS B 330 -8.22 -36.95 17.47
CA LYS B 330 -7.93 -38.36 17.71
C LYS B 330 -6.70 -38.59 18.61
N LYS B 331 -5.86 -37.57 18.81
CA LYS B 331 -4.67 -37.70 19.67
C LYS B 331 -4.86 -37.08 21.04
N PHE B 332 -5.80 -36.14 21.17
CA PHE B 332 -6.05 -35.39 22.38
C PHE B 332 -7.50 -35.50 22.89
N PRO B 333 -7.73 -35.30 24.21
CA PRO B 333 -9.11 -35.44 24.73
C PRO B 333 -10.06 -34.31 24.29
N VAL B 334 -11.04 -34.68 23.46
CA VAL B 334 -12.01 -33.71 22.97
C VAL B 334 -13.29 -33.76 23.83
N THR B 335 -13.83 -32.58 24.11
CA THR B 335 -15.08 -32.43 24.85
C THR B 335 -16.13 -31.89 23.90
N GLU B 336 -17.40 -31.95 24.35
CA GLU B 336 -18.52 -31.41 23.61
C GLU B 336 -19.00 -30.27 24.46
N ASN B 337 -18.97 -29.06 23.92
CA ASN B 337 -19.41 -27.90 24.69
C ASN B 337 -20.95 -27.85 24.79
N SER B 338 -21.48 -26.86 25.52
CA SER B 338 -22.92 -26.75 25.76
C SER B 338 -23.77 -26.54 24.48
N LYS B 339 -23.13 -26.18 23.36
CA LYS B 339 -23.81 -25.97 22.08
C LYS B 339 -23.75 -27.19 21.18
N GLY B 340 -23.05 -28.22 21.64
CA GLY B 340 -22.89 -29.47 20.89
C GLY B 340 -21.68 -29.50 19.99
N TYR B 341 -20.75 -28.53 20.16
CA TYR B 341 -19.57 -28.45 19.30
C TYR B 341 -18.32 -29.01 19.96
N LYS B 342 -17.48 -29.64 19.14
CA LYS B 342 -16.23 -30.27 19.56
C LYS B 342 -15.25 -29.22 20.01
N LEU B 343 -14.57 -29.49 21.12
CA LEU B 343 -13.64 -28.56 21.72
C LEU B 343 -12.34 -29.29 22.13
N LEU B 344 -11.20 -28.80 21.63
CA LEU B 344 -9.89 -29.36 21.97
C LEU B 344 -9.63 -29.07 23.45
N PRO B 345 -8.70 -29.77 24.12
CA PRO B 345 -8.38 -29.42 25.52
C PRO B 345 -7.82 -28.00 25.61
N PRO B 346 -7.92 -27.33 26.79
CA PRO B 346 -7.54 -25.90 26.87
C PRO B 346 -6.06 -25.57 26.67
N TYR B 347 -5.15 -26.55 26.73
CA TYR B 347 -3.72 -26.34 26.48
C TYR B 347 -3.40 -26.46 24.97
N LEU B 348 -4.44 -26.65 24.11
CA LEU B 348 -4.20 -26.84 22.69
C LEU B 348 -5.14 -26.04 21.78
N ARG B 349 -4.56 -25.18 20.92
CA ARG B 349 -5.33 -24.42 19.94
C ARG B 349 -4.68 -24.47 18.55
N VAL B 350 -5.33 -23.86 17.54
CA VAL B 350 -4.81 -23.80 16.16
C VAL B 350 -4.93 -22.37 15.66
N ILE B 351 -3.93 -21.89 14.90
CA ILE B 351 -4.04 -20.58 14.22
C ILE B 351 -3.79 -20.82 12.73
N GLN B 352 -4.72 -20.41 11.87
CA GLN B 352 -4.53 -20.49 10.40
C GLN B 352 -4.04 -19.09 9.96
N GLY B 353 -2.78 -19.03 9.53
CA GLY B 353 -2.14 -17.76 9.19
C GLY B 353 -1.68 -17.60 7.77
N ASP B 354 -2.15 -18.51 6.87
CA ASP B 354 -1.83 -18.48 5.44
C ASP B 354 -3.14 -18.37 4.65
N GLY B 355 -3.11 -17.56 3.59
CA GLY B 355 -4.22 -17.36 2.68
C GLY B 355 -5.52 -16.86 3.29
N VAL B 356 -5.45 -16.15 4.46
CA VAL B 356 -6.64 -15.61 5.11
C VAL B 356 -7.01 -14.23 4.56
N ASP B 357 -8.24 -14.13 4.05
CA ASP B 357 -8.85 -12.87 3.66
C ASP B 357 -10.32 -12.96 4.09
N ILE B 358 -11.15 -11.94 3.84
CA ILE B 358 -12.53 -12.00 4.30
C ILE B 358 -13.30 -13.22 3.70
N ASN B 359 -12.98 -13.61 2.46
CA ASN B 359 -13.64 -14.74 1.78
C ASN B 359 -13.22 -16.09 2.36
N THR B 360 -11.93 -16.30 2.53
CA THR B 360 -11.41 -17.58 3.08
C THR B 360 -11.78 -17.69 4.56
N LEU B 361 -11.74 -16.56 5.31
CA LEU B 361 -12.15 -16.57 6.73
C LEU B 361 -13.58 -17.15 6.87
N GLN B 362 -14.51 -16.64 6.05
CA GLN B 362 -15.90 -17.10 5.98
C GLN B 362 -15.98 -18.61 5.63
N GLU B 363 -15.27 -19.04 4.58
CA GLU B 363 -15.23 -20.46 4.15
C GLU B 363 -14.73 -21.35 5.29
N ILE B 364 -13.70 -20.90 6.04
CA ILE B 364 -13.16 -21.74 7.11
C ILE B 364 -14.14 -21.89 8.29
N VAL B 365 -14.69 -20.78 8.80
CA VAL B 365 -15.58 -20.88 9.96
C VAL B 365 -16.87 -21.68 9.61
N GLU B 366 -17.39 -21.52 8.35
CA GLU B 366 -18.53 -22.29 7.88
C GLU B 366 -18.19 -23.80 7.79
N GLY B 367 -17.00 -24.11 7.25
CA GLY B 367 -16.49 -25.47 7.14
C GLY B 367 -16.34 -26.13 8.48
N MET B 368 -15.78 -25.40 9.48
CA MET B 368 -15.65 -25.88 10.86
C MET B 368 -17.01 -26.17 11.49
N LYS B 369 -17.95 -25.23 11.33
CA LYS B 369 -19.31 -25.39 11.88
C LYS B 369 -19.97 -26.65 11.32
N GLN B 370 -19.83 -26.89 9.99
CA GLN B 370 -20.41 -28.07 9.31
C GLN B 370 -19.84 -29.39 9.84
N LYS B 371 -18.55 -29.40 10.24
CA LYS B 371 -17.86 -30.55 10.80
C LYS B 371 -17.90 -30.56 12.34
N MET B 372 -18.78 -29.74 12.93
CA MET B 372 -19.08 -29.64 14.36
C MET B 372 -17.90 -29.22 15.24
N TRP B 373 -17.00 -28.37 14.72
CA TRP B 373 -15.86 -27.84 15.47
C TRP B 373 -16.18 -26.45 15.95
N SER B 374 -15.94 -26.20 17.25
CA SER B 374 -16.21 -24.87 17.81
C SER B 374 -15.18 -23.84 17.27
N ILE B 375 -15.63 -22.58 17.07
CA ILE B 375 -14.70 -21.52 16.65
C ILE B 375 -13.77 -21.18 17.82
N GLU B 376 -14.08 -21.67 19.05
CA GLU B 376 -13.13 -21.40 20.13
C GLU B 376 -11.78 -22.11 19.86
N ASN B 377 -11.78 -23.14 19.01
CA ASN B 377 -10.58 -23.91 18.67
C ASN B 377 -9.54 -23.15 17.83
N ILE B 378 -10.00 -22.12 17.11
CA ILE B 378 -9.19 -21.46 16.11
C ILE B 378 -9.03 -19.98 16.29
N ALA B 379 -7.98 -19.46 15.68
CA ALA B 379 -7.70 -18.04 15.52
C ALA B 379 -7.14 -17.94 14.09
N PHE B 380 -7.12 -16.73 13.56
CA PHE B 380 -6.64 -16.47 12.23
C PHE B 380 -5.56 -15.41 12.25
N GLY B 381 -4.58 -15.60 11.39
CA GLY B 381 -3.54 -14.62 11.14
C GLY B 381 -3.73 -14.19 9.71
N SER B 382 -3.72 -12.86 9.46
CA SER B 382 -3.91 -12.33 8.10
C SER B 382 -2.92 -11.24 7.83
N GLY B 383 -2.26 -11.32 6.67
CA GLY B 383 -1.24 -10.35 6.30
C GLY B 383 -1.69 -9.46 5.16
N GLY B 384 -1.35 -9.86 3.95
CA GLY B 384 -1.77 -9.16 2.74
C GLY B 384 -3.28 -8.93 2.63
N GLY B 385 -4.09 -9.93 3.04
CA GLY B 385 -5.53 -9.81 2.97
C GLY B 385 -6.11 -8.73 3.85
N LEU B 386 -5.44 -8.53 5.01
CA LEU B 386 -5.86 -7.54 6.00
C LEU B 386 -5.35 -6.13 5.68
N LEU B 387 -4.07 -6.01 5.32
CA LEU B 387 -3.46 -4.67 5.13
C LEU B 387 -3.06 -4.21 3.73
N GLN B 388 -2.95 -5.13 2.75
CA GLN B 388 -2.47 -4.71 1.43
C GLN B 388 -3.41 -4.89 0.27
N LYS B 389 -4.15 -6.03 0.25
CA LYS B 389 -5.04 -6.41 -0.85
C LYS B 389 -6.34 -5.58 -0.76
N LEU B 390 -6.19 -4.27 -0.89
CA LEU B 390 -7.27 -3.30 -0.73
C LEU B 390 -6.96 -2.10 -1.61
N THR B 391 -8.00 -1.46 -2.14
CA THR B 391 -7.83 -0.30 -3.01
C THR B 391 -8.89 0.74 -2.72
N ARG B 392 -8.68 1.94 -3.25
CA ARG B 392 -9.62 3.04 -3.07
C ARG B 392 -10.99 2.75 -3.71
N ASP B 393 -11.03 1.81 -4.68
CA ASP B 393 -12.20 1.35 -5.40
C ASP B 393 -13.12 0.49 -4.54
N LEU B 394 -12.61 -0.22 -3.49
CA LEU B 394 -13.42 -1.13 -2.69
C LEU B 394 -14.61 -0.41 -2.07
N LEU B 395 -14.39 0.77 -1.47
CA LEU B 395 -15.48 1.59 -0.90
C LEU B 395 -15.81 2.84 -1.74
N ASN B 396 -15.19 2.97 -2.92
CA ASN B 396 -15.40 4.12 -3.81
C ASN B 396 -15.19 5.46 -3.11
N CYS B 397 -14.09 5.56 -2.35
CA CYS B 397 -13.73 6.78 -1.63
C CYS B 397 -13.43 7.88 -2.64
N SER B 398 -14.12 9.03 -2.53
CA SER B 398 -14.04 10.09 -3.52
C SER B 398 -14.15 11.46 -2.86
N PHE B 399 -13.39 12.45 -3.39
CA PHE B 399 -13.41 13.82 -2.91
C PHE B 399 -13.78 14.69 -4.09
N LYS B 400 -14.83 15.51 -3.93
CA LYS B 400 -15.31 16.34 -5.01
C LYS B 400 -15.74 17.69 -4.52
N CYS B 401 -15.63 18.69 -5.42
CA CYS B 401 -16.12 20.04 -5.17
C CYS B 401 -17.62 20.00 -5.37
N SER B 402 -18.36 20.52 -4.37
CA SER B 402 -19.83 20.57 -4.39
C SER B 402 -20.41 22.00 -4.33
N TYR B 403 -19.59 22.99 -3.92
CA TYR B 403 -20.08 24.36 -3.80
C TYR B 403 -18.94 25.35 -4.03
N VAL B 404 -19.24 26.42 -4.77
CA VAL B 404 -18.27 27.49 -4.99
C VAL B 404 -18.99 28.82 -4.86
N VAL B 405 -18.24 29.88 -4.55
CA VAL B 405 -18.74 31.26 -4.55
C VAL B 405 -17.90 32.02 -5.59
N THR B 406 -18.55 32.60 -6.60
CA THR B 406 -17.91 33.36 -7.68
C THR B 406 -18.73 34.64 -7.84
N ASN B 407 -18.06 35.80 -7.80
CA ASN B 407 -18.67 37.13 -7.88
C ASN B 407 -19.70 37.35 -6.75
N GLY B 408 -19.41 36.77 -5.58
CA GLY B 408 -20.25 36.86 -4.38
C GLY B 408 -21.47 35.97 -4.38
N LEU B 409 -21.62 35.14 -5.42
CA LEU B 409 -22.77 34.25 -5.57
C LEU B 409 -22.37 32.78 -5.47
N GLY B 410 -22.99 32.08 -4.53
CA GLY B 410 -22.78 30.65 -4.31
C GLY B 410 -23.53 29.86 -5.35
N ILE B 411 -22.87 28.85 -5.93
CA ILE B 411 -23.50 27.95 -6.90
C ILE B 411 -23.23 26.48 -6.49
N ASN B 412 -24.23 25.62 -6.68
CA ASN B 412 -24.16 24.19 -6.36
C ASN B 412 -23.51 23.48 -7.53
N VAL B 413 -22.34 22.91 -7.28
CA VAL B 413 -21.42 22.27 -8.27
C VAL B 413 -21.47 20.74 -8.11
N PHE B 414 -21.39 20.01 -9.24
CA PHE B 414 -21.40 18.55 -9.24
C PHE B 414 -20.92 18.02 -10.59
N LYS B 415 -20.58 16.72 -10.61
CA LYS B 415 -20.31 16.02 -11.85
C LYS B 415 -21.42 14.98 -12.02
N ASP B 416 -21.71 14.58 -13.27
CA ASP B 416 -22.75 13.61 -13.55
C ASP B 416 -22.45 12.97 -14.90
N PRO B 417 -21.43 12.08 -14.98
CA PRO B 417 -21.05 11.50 -16.30
C PRO B 417 -22.17 10.69 -16.92
N VAL B 418 -22.41 10.90 -18.20
CA VAL B 418 -23.49 10.24 -18.95
C VAL B 418 -23.42 8.70 -18.85
N ALA B 419 -22.21 8.11 -18.95
CA ALA B 419 -22.03 6.66 -18.96
C ALA B 419 -21.90 6.02 -17.59
N ASP B 420 -21.88 6.83 -16.50
CA ASP B 420 -21.76 6.23 -15.18
C ASP B 420 -22.51 7.03 -14.12
N PRO B 421 -23.81 6.72 -13.93
CA PRO B 421 -24.59 7.39 -12.87
C PRO B 421 -24.03 7.21 -11.44
N ASN B 422 -23.24 6.14 -11.19
CA ASN B 422 -22.59 5.89 -9.90
C ASN B 422 -21.56 6.96 -9.54
N LYS B 423 -21.01 7.66 -10.56
CA LYS B 423 -20.00 8.69 -10.34
C LYS B 423 -20.61 10.10 -10.14
N ARG B 424 -21.94 10.19 -10.16
CA ARG B 424 -22.63 11.46 -9.91
C ARG B 424 -22.30 11.91 -8.47
N SER B 425 -21.88 13.18 -8.33
CA SER B 425 -21.49 13.76 -7.06
C SER B 425 -22.61 14.64 -6.45
N LYS B 426 -22.49 14.97 -5.12
CA LYS B 426 -23.53 15.70 -4.39
C LYS B 426 -23.48 17.18 -4.72
N LYS B 427 -24.61 17.89 -4.56
CA LYS B 427 -24.67 19.32 -4.89
C LYS B 427 -24.79 20.20 -3.66
N GLY B 428 -24.00 21.28 -3.68
CA GLY B 428 -23.99 22.34 -2.70
C GLY B 428 -23.40 22.06 -1.36
N ARG B 429 -23.78 22.90 -0.39
CA ARG B 429 -23.36 22.79 0.99
C ARG B 429 -24.05 21.57 1.62
N LEU B 430 -23.25 20.72 2.24
CA LEU B 430 -23.70 19.44 2.79
C LEU B 430 -23.71 19.40 4.29
N SER B 431 -24.60 18.56 4.82
CA SER B 431 -24.80 18.34 6.25
C SER B 431 -25.18 16.86 6.48
N LEU B 432 -24.75 16.26 7.63
CA LEU B 432 -25.06 14.86 7.94
C LEU B 432 -26.01 14.86 9.14
N HIS B 433 -27.12 14.15 9.00
CA HIS B 433 -28.15 14.16 10.03
C HIS B 433 -28.67 12.79 10.38
N ARG B 434 -29.28 12.71 11.56
CA ARG B 434 -29.98 11.53 12.05
C ARG B 434 -31.37 11.62 11.48
N THR B 435 -31.91 10.52 10.93
CA THR B 435 -33.30 10.53 10.43
C THR B 435 -34.27 10.28 11.62
N PRO B 436 -35.62 10.44 11.48
CA PRO B 436 -36.52 10.11 12.62
C PRO B 436 -36.39 8.65 13.09
N ALA B 437 -36.06 7.69 12.20
CA ALA B 437 -35.87 6.29 12.59
C ALA B 437 -34.45 5.98 13.12
N GLY B 438 -33.64 7.03 13.31
CA GLY B 438 -32.28 6.90 13.83
C GLY B 438 -31.23 6.52 12.82
N ASN B 439 -31.55 6.58 11.51
CA ASN B 439 -30.57 6.26 10.45
C ASN B 439 -29.83 7.54 10.03
N PHE B 440 -29.07 7.48 8.94
CA PHE B 440 -28.32 8.65 8.49
C PHE B 440 -28.85 9.19 7.19
N VAL B 441 -28.72 10.50 7.02
CA VAL B 441 -29.10 11.19 5.78
C VAL B 441 -28.13 12.34 5.53
N THR B 442 -27.70 12.50 4.28
CA THR B 442 -26.84 13.63 3.92
C THR B 442 -27.77 14.61 3.23
N LEU B 443 -27.87 15.83 3.77
CA LEU B 443 -28.71 16.87 3.18
C LEU B 443 -27.85 17.71 2.26
N GLU B 444 -28.33 17.92 1.06
CA GLU B 444 -27.64 18.67 0.02
C GLU B 444 -28.22 20.08 -0.14
N GLU B 445 -27.54 20.92 -0.94
CA GLU B 445 -27.97 22.29 -1.30
C GLU B 445 -28.25 23.20 -0.09
N GLY B 446 -27.52 22.99 1.00
CA GLY B 446 -27.67 23.76 2.23
C GLY B 446 -28.99 23.53 2.95
N LYS B 447 -29.75 22.47 2.57
CA LYS B 447 -31.06 22.16 3.18
C LYS B 447 -30.99 21.83 4.68
N GLY B 448 -29.80 21.52 5.19
CA GLY B 448 -29.57 21.33 6.62
C GLY B 448 -29.85 22.59 7.44
N ASP B 449 -29.76 23.78 6.78
CA ASP B 449 -30.05 25.10 7.37
C ASP B 449 -31.49 25.19 7.89
N LEU B 450 -32.42 24.43 7.28
CA LEU B 450 -33.80 24.31 7.75
C LEU B 450 -33.68 23.35 8.96
N GLU B 451 -34.30 23.65 10.08
CA GLU B 451 -34.14 22.78 11.26
C GLU B 451 -35.04 21.53 11.24
N GLU B 452 -35.26 20.94 10.03
CA GLU B 452 -36.16 19.79 9.81
C GLU B 452 -35.60 18.46 10.31
N TYR B 453 -34.28 18.28 10.22
CA TYR B 453 -33.58 17.06 10.62
C TYR B 453 -32.67 17.33 11.81
N GLY B 454 -32.84 18.51 12.43
CA GLY B 454 -32.06 18.93 13.58
C GLY B 454 -30.61 19.29 13.27
N GLN B 455 -29.72 18.98 14.23
CA GLN B 455 -28.30 19.30 14.24
C GLN B 455 -27.38 18.45 13.34
N ASP B 456 -26.45 19.12 12.68
CA ASP B 456 -25.43 18.53 11.82
C ASP B 456 -24.50 17.68 12.68
N LEU B 457 -24.22 16.45 12.23
CA LEU B 457 -23.34 15.49 12.91
C LEU B 457 -21.83 15.75 12.65
N LEU B 458 -21.50 16.54 11.63
CA LEU B 458 -20.09 16.88 11.36
C LEU B 458 -19.68 17.95 12.32
N HIS B 459 -18.44 17.86 12.81
CA HIS B 459 -17.86 18.82 13.75
C HIS B 459 -16.59 19.42 13.14
N THR B 460 -16.26 20.70 13.47
CA THR B 460 -15.02 21.30 12.97
C THR B 460 -13.86 20.61 13.69
N VAL B 461 -12.99 19.96 12.92
CA VAL B 461 -11.85 19.23 13.43
C VAL B 461 -10.54 19.96 13.13
N PHE B 462 -10.57 20.87 12.14
CA PHE B 462 -9.41 21.64 11.74
C PHE B 462 -9.86 23.02 11.32
N LYS B 463 -9.14 24.05 11.80
CA LYS B 463 -9.42 25.42 11.39
C LYS B 463 -8.17 26.28 11.48
N ASN B 464 -7.76 26.89 10.35
CA ASN B 464 -6.63 27.85 10.28
C ASN B 464 -5.33 27.36 10.98
N GLY B 465 -4.94 26.14 10.63
CA GLY B 465 -3.73 25.51 11.11
C GLY B 465 -3.77 24.81 12.44
N LYS B 466 -4.96 24.72 13.05
CA LYS B 466 -5.10 24.06 14.35
C LYS B 466 -6.12 22.94 14.33
N VAL B 467 -5.81 21.88 15.07
CA VAL B 467 -6.74 20.77 15.24
C VAL B 467 -7.66 21.25 16.39
N THR B 468 -8.95 21.33 16.11
CA THR B 468 -9.96 21.93 17.02
C THR B 468 -10.78 20.91 17.81
N LYS B 469 -10.72 19.64 17.40
CA LYS B 469 -11.44 18.54 18.02
C LYS B 469 -10.70 17.26 17.71
N SER B 470 -10.46 16.43 18.74
CA SER B 470 -9.74 15.16 18.59
C SER B 470 -10.41 14.04 19.40
N TYR B 471 -10.08 12.79 19.06
CA TYR B 471 -10.66 11.62 19.72
C TYR B 471 -9.57 10.72 20.21
N SER B 472 -9.79 10.08 21.37
CA SER B 472 -8.83 9.10 21.86
C SER B 472 -9.09 7.80 21.09
N PHE B 473 -8.10 6.89 21.09
CA PHE B 473 -8.29 5.58 20.44
C PHE B 473 -9.38 4.78 21.18
N ASP B 474 -9.55 5.03 22.49
CA ASP B 474 -10.60 4.41 23.30
C ASP B 474 -12.01 4.85 22.83
N GLU B 475 -12.18 6.14 22.50
CA GLU B 475 -13.44 6.71 21.99
C GLU B 475 -13.74 6.11 20.63
N ILE B 476 -12.71 5.96 19.79
CA ILE B 476 -12.82 5.39 18.45
C ILE B 476 -13.31 3.93 18.50
N ARG B 477 -12.70 3.09 19.37
CA ARG B 477 -13.10 1.69 19.56
C ARG B 477 -14.55 1.55 20.03
N LYS B 478 -14.97 2.39 21.00
CA LYS B 478 -16.37 2.35 21.45
C LYS B 478 -17.31 2.68 20.28
N ASN B 479 -16.97 3.72 19.49
CA ASN B 479 -17.80 4.13 18.37
C ASN B 479 -17.91 3.02 17.33
N ALA B 480 -16.85 2.23 17.18
CA ALA B 480 -16.78 1.18 16.16
C ALA B 480 -17.29 -0.18 16.59
N GLN B 481 -17.79 -0.29 17.82
CA GLN B 481 -18.36 -1.54 18.38
C GLN B 481 -19.44 -2.18 17.51
N LEU B 482 -19.55 -3.52 17.53
CA LEU B 482 -20.59 -4.19 16.77
C LEU B 482 -21.86 -4.13 17.64
N ASN B 483 -23.06 -4.13 17.02
CA ASN B 483 -24.35 -4.18 17.74
C ASN B 483 -24.41 -5.45 18.62
N ILE B 484 -24.02 -6.60 18.03
CA ILE B 484 -23.96 -7.95 18.60
C ILE B 484 -23.22 -8.02 19.95
N1 8HV C . -2.19 14.58 -16.80
C4 8HV C . 2.46 14.05 -23.34
C5 8HV C . 1.51 14.53 -22.24
C6 8HV C . 1.19 13.40 -21.26
C7 8HV C . 0.71 12.15 -22.01
C8 8HV C . 1.69 11.76 -23.13
C10 8HV C . 0.78 14.10 -18.88
C13 8HV C . -3.53 14.44 -16.62
C15 8HV C . -3.75 13.61 -13.17
C17 8HV C . -4.27 12.57 -11.05
C20 8HV C . -5.05 13.40 -13.60
C21 8HV C . -5.29 14.04 -14.93
C22 8HV C . -1.96 14.17 -19.26
F 8HV C . -6.48 11.75 -10.71
C18 8HV C . -5.56 12.36 -11.53
C16 8HV C . -3.36 13.19 -11.90
C19 8HV C . -5.97 12.75 -12.78
C14 8HV C . -2.99 14.38 -14.22
N2 8HV C . -3.95 14.48 -15.32
O2 8HV C . -4.32 14.17 -17.52
C12 8HV C . -1.43 14.41 -17.99
C11 8HV C . -0.05 14.41 -17.82
C23 8HV C . -1.12 13.89 -20.32
C9 8HV C . 0.26 13.81 -20.14
N 8HV C . 1.89 12.89 -24.04
C3 8HV C . 1.55 12.94 -25.36
O1 8HV C . 1.73 13.96 -26.01
C1 8HV C . 0.97 11.81 -26.19
O 8HV C . 1.50 10.54 -25.80
C2 8HV C . -0.55 11.78 -25.99
C 8HV C . 1.34 12.01 -27.66
N1 8HV D . 1.50 -15.29 16.17
C4 8HV D . -4.23 -16.02 21.79
C5 8HV D . -2.91 -16.09 21.01
C6 8HV D . -3.09 -15.51 19.59
C7 8HV D . -4.30 -16.14 18.90
C8 8HV D . -5.55 -16.03 19.77
C10 8HV D . -1.04 -14.39 18.65
C13 8HV D . 1.96 -16.13 15.19
C15 8HV D . 3.42 -13.94 12.86
C17 8HV D . 4.03 -12.78 10.84
C20 8HV D . 3.46 -15.15 12.19
C21 8HV D . 3.28 -16.30 13.14
C22 8HV D . -0.32 -16.66 17.23
F 8HV D . 4.40 -14.06 8.88
C18 8HV D . 4.04 -14.01 10.19
C16 8HV D . 3.71 -12.76 12.18
C19 8HV D . 3.76 -15.19 10.83
C14 8HV D . 2.97 -14.15 14.28
N2 8HV D . 2.92 -15.61 14.39
O2 8HV D . 1.50 -17.25 14.97
C12 8HV D . 0.44 -15.48 17.10
C11 8HV D . 0.08 -14.37 17.85
C23 8HV D . -1.43 -16.67 18.05
C9 8HV D . -1.82 -15.54 18.75
N 8HV D . -5.32 -16.68 21.07
C3 8HV D . -5.98 -17.78 21.52
O1 8HV D . -5.68 -18.28 22.59
C1 8HV D . -7.11 -18.53 20.80
O 8HV D . -7.99 -17.70 20.02
C2 8HV D . -6.46 -19.54 19.86
C 8HV D . -7.98 -19.24 21.84
#